data_5LD1
#
_entry.id   5LD1
#
_cell.length_a   168.014
_cell.length_b   168.014
_cell.length_c   95.032
_cell.angle_alpha   90.000
_cell.angle_beta   90.000
_cell.angle_gamma   90.000
#
_symmetry.space_group_name_H-M   'P 43 21 2'
#
loop_
_entity.id
_entity.type
_entity.pdbx_description
1 polymer 'Polyphosphate:AMP phosphotransferase'
2 non-polymer "ADENOSINE-5'-TRIPHOSPHATE"
3 non-polymer 'MAGNESIUM ION'
4 non-polymer 'SULFATE ION'
5 non-polymer GLYCEROL
6 water water
#
_entity_poly.entity_id   1
_entity_poly.type   'polypeptide(L)'
_entity_poly.pdbx_seq_one_letter_code
;MGSSHHHHHHSSGLVPRGSHMKKYRVQPDGRFELKRFDPDDTSAFEGGKQAALEALAVLNRRLEKLQELLYAEGQHKVLV
VLQAMDAGGKDGTIRVVFDGVNPSGVRVASFGVPTEQELARDYLWRVHQQVPRKGELVIFNRSHYEDVLVVRVKNLVPQQ
VWQKRYRHIREFERMLADEGTTILKFFLHISKDEQRQRLQERLDNPEKRWKFRMGDLEDRRLWDRYQEAYEAAIRETSTE
YAPWYVIPANKNWYRNWLVSHILVETLEGLAMQYPQPETASEKIVIE
;
_entity_poly.pdbx_strand_id   A,B,C,D
#
loop_
_chem_comp.id
_chem_comp.type
_chem_comp.name
_chem_comp.formula
ATP non-polymer ADENOSINE-5'-TRIPHOSPHATE 'C10 H16 N5 O13 P3'
GOL non-polymer GLYCEROL 'C3 H8 O3'
MG non-polymer 'MAGNESIUM ION' 'Mg 2'
SO4 non-polymer 'SULFATE ION' 'O4 S -2'
#
# COMPACT_ATOMS: atom_id res chain seq x y z
N MET A 21 -13.37 25.17 29.67
CA MET A 21 -12.72 24.23 28.77
C MET A 21 -13.51 24.02 27.44
N LYS A 22 -14.87 24.16 27.46
CA LYS A 22 -15.72 24.00 26.25
C LYS A 22 -15.75 25.30 25.43
N LYS A 23 -15.12 26.37 25.96
CA LYS A 23 -14.97 27.68 25.30
C LYS A 23 -14.06 27.55 24.07
N TYR A 24 -13.29 26.44 23.98
CA TYR A 24 -12.37 26.23 22.87
C TYR A 24 -12.97 25.40 21.73
N ARG A 25 -14.13 24.75 21.97
CA ARG A 25 -14.83 23.99 20.92
C ARG A 25 -15.57 24.97 20.01
N VAL A 26 -15.30 24.91 18.70
CA VAL A 26 -15.95 25.82 17.75
C VAL A 26 -17.33 25.26 17.43
N GLN A 27 -18.38 25.99 17.81
CA GLN A 27 -19.78 25.59 17.59
C GLN A 27 -20.10 25.44 16.12
N PRO A 28 -20.92 24.45 15.73
CA PRO A 28 -21.21 24.27 14.30
C PRO A 28 -22.28 25.22 13.75
N ASP A 29 -22.11 26.54 14.00
CA ASP A 29 -23.05 27.58 13.58
C ASP A 29 -22.53 28.45 12.41
N GLY A 30 -21.32 28.16 11.94
CA GLY A 30 -20.68 28.91 10.85
C GLY A 30 -20.47 30.39 11.14
N ARG A 31 -20.35 30.73 12.44
CA ARG A 31 -20.19 32.10 12.95
C ARG A 31 -18.84 32.32 13.67
N PHE A 32 -17.87 31.42 13.45
CA PHE A 32 -16.52 31.46 14.07
C PHE A 32 -15.71 32.66 13.63
N GLU A 33 -15.05 33.29 14.58
CA GLU A 33 -14.16 34.42 14.35
C GLU A 33 -12.88 34.15 15.08
N LEU A 34 -11.79 33.98 14.32
CA LEU A 34 -10.46 33.70 14.88
C LEU A 34 -9.93 34.83 15.81
N LYS A 35 -10.31 36.09 15.55
CA LYS A 35 -9.92 37.27 16.35
C LYS A 35 -10.33 37.17 17.83
N ARG A 36 -11.33 36.32 18.12
CA ARG A 36 -11.87 36.10 19.46
C ARG A 36 -10.99 35.17 20.31
N PHE A 37 -9.99 34.53 19.68
CA PHE A 37 -9.07 33.62 20.35
C PHE A 37 -7.68 34.24 20.41
N ASP A 38 -7.19 34.46 21.63
CA ASP A 38 -5.90 35.10 21.86
C ASP A 38 -4.87 34.01 22.07
N PRO A 39 -3.80 33.97 21.22
CA PRO A 39 -2.74 32.93 21.45
C PRO A 39 -2.11 32.94 22.86
N ASP A 40 -2.20 34.06 23.59
CA ASP A 40 -1.65 34.22 24.95
C ASP A 40 -2.61 33.85 26.06
N ASP A 41 -3.84 33.48 25.70
CA ASP A 41 -4.89 33.11 26.65
C ASP A 41 -4.53 31.81 27.39
N THR A 42 -4.53 31.87 28.74
CA THR A 42 -4.30 30.65 29.59
C THR A 42 -5.44 30.50 30.63
N SER A 43 -6.62 31.11 30.35
CA SER A 43 -7.73 31.24 31.30
C SER A 43 -8.40 29.94 31.76
N ALA A 44 -8.28 28.82 31.03
CA ALA A 44 -8.91 27.57 31.46
C ALA A 44 -8.10 26.88 32.57
N PHE A 45 -6.84 27.31 32.81
CA PHE A 45 -5.99 26.73 33.85
C PHE A 45 -5.69 27.76 34.95
N GLU A 46 -6.13 27.46 36.19
CA GLU A 46 -5.96 28.34 37.33
C GLU A 46 -4.61 28.09 38.00
N GLY A 47 -3.57 28.51 37.30
CA GLY A 47 -2.19 28.38 37.74
C GLY A 47 -1.25 28.62 36.60
N GLY A 48 -0.01 28.25 36.79
CA GLY A 48 0.99 28.42 35.75
C GLY A 48 1.67 27.14 35.35
N LYS A 49 2.87 27.29 34.76
CA LYS A 49 3.68 26.21 34.18
C LYS A 49 3.90 25.04 35.14
N GLN A 50 4.34 25.30 36.39
CA GLN A 50 4.62 24.21 37.34
C GLN A 50 3.39 23.37 37.69
N ALA A 51 2.27 24.01 38.07
CA ALA A 51 1.03 23.30 38.37
C ALA A 51 0.52 22.54 37.11
N ALA A 52 0.66 23.14 35.89
CA ALA A 52 0.24 22.50 34.64
C ALA A 52 1.06 21.28 34.29
N LEU A 53 2.37 21.26 34.62
CA LEU A 53 3.24 20.09 34.38
C LEU A 53 2.80 18.93 35.25
N GLU A 54 2.37 19.22 36.49
CA GLU A 54 1.87 18.22 37.42
C GLU A 54 0.51 17.67 36.92
N ALA A 55 -0.39 18.55 36.45
CA ALA A 55 -1.69 18.21 35.92
C ALA A 55 -1.54 17.37 34.64
N LEU A 56 -0.54 17.72 33.79
CA LEU A 56 -0.21 17.00 32.57
C LEU A 56 0.29 15.59 32.90
N ALA A 57 1.11 15.44 33.95
CA ALA A 57 1.58 14.14 34.38
C ALA A 57 0.40 13.24 34.81
N VAL A 58 -0.61 13.83 35.50
CA VAL A 58 -1.83 13.09 35.90
C VAL A 58 -2.61 12.66 34.63
N LEU A 59 -2.73 13.57 33.64
CA LEU A 59 -3.41 13.28 32.37
C LEU A 59 -2.69 12.21 31.56
N ASN A 60 -1.33 12.19 31.59
CA ASN A 60 -0.48 11.19 30.92
C ASN A 60 -0.74 9.76 31.46
N ARG A 61 -0.84 9.59 32.80
CA ARG A 61 -1.14 8.28 33.43
C ARG A 61 -2.54 7.83 33.06
N ARG A 62 -3.50 8.79 32.99
CA ARG A 62 -4.89 8.53 32.61
CA ARG A 62 -4.86 8.47 32.61
C ARG A 62 -4.95 8.07 31.14
N LEU A 63 -4.21 8.75 30.26
CA LEU A 63 -4.17 8.43 28.84
C LEU A 63 -3.62 7.02 28.63
N GLU A 64 -2.60 6.59 29.41
CA GLU A 64 -2.03 5.22 29.26
C GLU A 64 -3.10 4.18 29.47
N LYS A 65 -3.93 4.36 30.50
CA LYS A 65 -5.01 3.42 30.79
C LYS A 65 -6.09 3.47 29.70
N LEU A 66 -6.45 4.67 29.23
CA LEU A 66 -7.46 4.83 28.21
C LEU A 66 -7.04 4.28 26.86
N GLN A 67 -5.77 4.48 26.45
CA GLN A 67 -5.25 3.95 25.19
C GLN A 67 -5.20 2.40 25.24
N GLU A 68 -4.82 1.83 26.38
CA GLU A 68 -4.77 0.39 26.51
C GLU A 68 -6.21 -0.18 26.39
N LEU A 69 -7.19 0.46 27.04
CA LEU A 69 -8.62 0.14 26.93
C LEU A 69 -9.04 0.22 25.45
N LEU A 70 -8.64 1.29 24.73
CA LEU A 70 -8.97 1.51 23.30
C LEU A 70 -8.53 0.30 22.49
N TYR A 71 -7.27 -0.11 22.66
CA TYR A 71 -6.69 -1.25 21.97
C TYR A 71 -7.34 -2.56 22.39
N ALA A 72 -7.38 -2.86 23.72
CA ALA A 72 -7.95 -4.15 24.21
C ALA A 72 -9.38 -4.36 23.78
N GLU A 73 -10.23 -3.32 23.88
CA GLU A 73 -11.61 -3.38 23.47
C GLU A 73 -11.70 -3.58 21.94
N GLY A 74 -10.79 -2.93 21.19
CA GLY A 74 -10.66 -3.05 19.74
C GLY A 74 -11.87 -2.68 18.91
N GLN A 75 -12.64 -1.66 19.35
CA GLN A 75 -13.85 -1.25 18.63
C GLN A 75 -13.81 0.18 18.11
N HIS A 76 -13.33 1.13 18.89
CA HIS A 76 -13.28 2.53 18.48
C HIS A 76 -12.06 2.84 17.64
N LYS A 77 -12.16 3.89 16.84
CA LYS A 77 -11.09 4.39 15.97
C LYS A 77 -10.98 5.84 16.35
N VAL A 78 -9.79 6.30 16.71
CA VAL A 78 -9.62 7.68 17.17
C VAL A 78 -8.68 8.43 16.25
N LEU A 79 -9.16 9.53 15.70
CA LEU A 79 -8.40 10.39 14.82
C LEU A 79 -8.18 11.76 15.44
N VAL A 80 -6.90 12.10 15.64
CA VAL A 80 -6.51 13.40 16.16
C VAL A 80 -5.83 14.15 15.01
N VAL A 81 -6.37 15.31 14.63
CA VAL A 81 -5.79 16.13 13.56
C VAL A 81 -5.08 17.34 14.19
N LEU A 82 -3.80 17.56 13.81
CA LEU A 82 -3.02 18.71 14.24
C LEU A 82 -2.72 19.64 13.08
N GLN A 83 -3.09 20.90 13.22
CA GLN A 83 -2.81 21.95 12.23
C GLN A 83 -2.27 23.13 12.99
N ALA A 84 -1.23 23.78 12.45
CA ALA A 84 -0.65 24.97 13.07
C ALA A 84 0.31 25.58 12.09
N MET A 85 0.52 26.89 12.21
CA MET A 85 1.57 27.59 11.47
C MET A 85 2.91 26.98 11.93
N ASP A 86 3.95 27.05 11.09
CA ASP A 86 5.26 26.47 11.44
C ASP A 86 5.73 27.03 12.79
N ALA A 87 6.27 26.14 13.65
CA ALA A 87 6.69 26.41 15.04
C ALA A 87 5.50 26.53 16.01
N GLY A 88 4.29 26.25 15.51
CA GLY A 88 3.03 26.33 16.27
C GLY A 88 2.78 25.27 17.31
N GLY A 89 3.59 24.22 17.33
CA GLY A 89 3.48 23.19 18.37
C GLY A 89 3.03 21.79 17.99
N LYS A 90 2.92 21.44 16.68
CA LYS A 90 2.48 20.10 16.27
C LYS A 90 3.43 19.04 16.77
N ASP A 91 4.73 19.29 16.59
CA ASP A 91 5.80 18.38 17.03
C ASP A 91 5.81 18.18 18.56
N GLY A 92 5.66 19.27 19.32
CA GLY A 92 5.63 19.23 20.78
C GLY A 92 4.40 18.51 21.30
N THR A 93 3.25 18.70 20.63
CA THR A 93 1.99 18.07 20.99
C THR A 93 2.06 16.55 20.78
N ILE A 94 2.68 16.11 19.66
CA ILE A 94 2.87 14.69 19.36
C ILE A 94 3.63 14.00 20.50
N ARG A 95 4.74 14.61 20.95
CA ARG A 95 5.54 14.07 22.04
C ARG A 95 4.70 13.90 23.32
N VAL A 96 3.91 14.91 23.67
CA VAL A 96 3.08 14.93 24.88
C VAL A 96 1.93 13.87 24.84
N VAL A 97 1.44 13.53 23.63
CA VAL A 97 0.46 12.46 23.48
C VAL A 97 1.22 11.15 23.71
N PHE A 98 2.40 11.00 23.04
CA PHE A 98 3.20 9.77 23.10
C PHE A 98 3.71 9.51 24.50
N ASP A 99 3.84 10.55 25.33
CA ASP A 99 4.23 10.38 26.74
C ASP A 99 3.20 9.60 27.55
N GLY A 100 1.97 9.54 27.04
CA GLY A 100 0.89 8.83 27.73
C GLY A 100 0.29 7.66 26.98
N VAL A 101 1.03 7.05 26.03
CA VAL A 101 0.49 5.91 25.28
C VAL A 101 1.51 4.79 25.10
N ASN A 102 1.01 3.64 24.63
CA ASN A 102 1.84 2.52 24.22
C ASN A 102 2.06 2.74 22.70
N PRO A 103 3.34 2.93 22.26
CA PRO A 103 3.61 3.17 20.82
C PRO A 103 3.09 2.08 19.87
N SER A 104 2.83 0.87 20.40
CA SER A 104 2.32 -0.23 19.58
C SER A 104 0.85 0.01 19.11
N GLY A 105 0.14 0.97 19.72
CA GLY A 105 -1.25 1.24 19.39
C GLY A 105 -1.51 2.63 18.87
N VAL A 106 -0.45 3.45 18.73
CA VAL A 106 -0.57 4.84 18.32
C VAL A 106 0.45 5.12 17.25
N ARG A 107 0.04 5.82 16.19
CA ARG A 107 0.95 6.18 15.15
C ARG A 107 0.70 7.60 14.62
N VAL A 108 1.75 8.19 14.06
CA VAL A 108 1.72 9.50 13.44
C VAL A 108 1.69 9.29 11.92
N ALA A 109 0.72 9.90 11.24
CA ALA A 109 0.64 9.94 9.79
C ALA A 109 0.86 11.42 9.47
N SER A 110 2.00 11.75 8.89
CA SER A 110 2.29 13.13 8.55
C SER A 110 2.08 13.38 7.08
N PHE A 111 1.62 14.57 6.74
CA PHE A 111 1.35 14.95 5.36
C PHE A 111 2.23 16.09 4.94
N GLY A 112 3.09 15.81 3.97
CA GLY A 112 4.03 16.77 3.40
C GLY A 112 3.65 17.18 1.99
N VAL A 113 4.63 17.71 1.24
CA VAL A 113 4.41 18.13 -0.14
C VAL A 113 3.94 16.92 -0.96
N PRO A 114 2.75 16.97 -1.59
CA PRO A 114 2.29 15.80 -2.36
C PRO A 114 3.25 15.37 -3.45
N THR A 115 3.39 14.06 -3.65
CA THR A 115 4.22 13.48 -4.70
C THR A 115 3.38 13.44 -5.97
N GLU A 116 4.00 13.13 -7.10
CA GLU A 116 3.33 12.98 -8.39
C GLU A 116 2.18 11.93 -8.28
N GLN A 117 2.43 10.78 -7.62
CA GLN A 117 1.42 9.72 -7.45
C GLN A 117 0.24 10.19 -6.63
N GLU A 118 0.51 11.00 -5.58
CA GLU A 118 -0.54 11.55 -4.72
C GLU A 118 -1.37 12.57 -5.46
N LEU A 119 -0.71 13.46 -6.21
CA LEU A 119 -1.42 14.47 -7.02
C LEU A 119 -2.19 13.85 -8.18
N ALA A 120 -1.80 12.61 -8.62
CA ALA A 120 -2.46 11.91 -9.72
C ALA A 120 -3.83 11.33 -9.31
N ARG A 121 -4.15 11.36 -8.02
CA ARG A 121 -5.45 10.96 -7.50
C ARG A 121 -6.02 12.18 -6.74
N ASP A 122 -7.28 12.10 -6.35
CA ASP A 122 -7.94 13.16 -5.60
C ASP A 122 -7.13 13.37 -4.29
N TYR A 123 -7.10 14.60 -3.80
CA TYR A 123 -6.39 14.99 -2.59
C TYR A 123 -6.77 14.16 -1.33
N LEU A 124 -8.01 13.60 -1.28
CA LEU A 124 -8.38 12.77 -0.12
C LEU A 124 -7.76 11.36 -0.14
N TRP A 125 -7.33 10.88 -1.30
CA TRP A 125 -6.78 9.54 -1.46
C TRP A 125 -5.64 9.23 -0.47
N ARG A 126 -4.60 10.07 -0.44
CA ARG A 126 -3.44 9.83 0.42
C ARG A 126 -3.82 9.93 1.93
N VAL A 127 -4.83 10.72 2.23
CA VAL A 127 -5.31 10.97 3.58
C VAL A 127 -6.16 9.78 4.06
N HIS A 128 -7.16 9.39 3.25
CA HIS A 128 -8.04 8.27 3.58
C HIS A 128 -7.24 6.98 3.88
N GLN A 129 -6.13 6.74 3.11
CA GLN A 129 -5.22 5.60 3.27
CA GLN A 129 -5.28 5.58 3.29
C GLN A 129 -4.80 5.42 4.75
N GLN A 130 -4.52 6.55 5.43
CA GLN A 130 -3.97 6.62 6.79
C GLN A 130 -4.94 6.65 7.97
N VAL A 131 -6.25 6.58 7.72
CA VAL A 131 -7.25 6.65 8.82
C VAL A 131 -7.02 5.57 9.88
N PRO A 132 -7.31 5.84 11.18
CA PRO A 132 -7.14 4.78 12.20
C PRO A 132 -8.06 3.61 12.00
N ARG A 133 -7.58 2.43 12.36
CA ARG A 133 -8.39 1.23 12.29
C ARG A 133 -8.99 1.03 13.70
N LYS A 134 -9.87 0.02 13.88
CA LYS A 134 -10.45 -0.30 15.19
C LYS A 134 -9.33 -0.60 16.19
N GLY A 135 -9.45 0.01 17.39
CA GLY A 135 -8.51 -0.12 18.50
C GLY A 135 -7.27 0.73 18.35
N GLU A 136 -7.26 1.67 17.38
CA GLU A 136 -6.08 2.47 17.09
C GLU A 136 -6.35 3.97 17.22
N LEU A 137 -5.33 4.70 17.64
CA LEU A 137 -5.33 6.16 17.74
C LEU A 137 -4.30 6.61 16.70
N VAL A 138 -4.72 7.46 15.76
CA VAL A 138 -3.81 8.02 14.77
C VAL A 138 -3.78 9.54 14.93
N ILE A 139 -2.59 10.10 14.88
CA ILE A 139 -2.39 11.54 14.88
C ILE A 139 -2.03 11.92 13.46
N PHE A 140 -2.80 12.85 12.88
CA PHE A 140 -2.48 13.38 11.56
C PHE A 140 -1.67 14.64 11.84
N ASN A 141 -0.36 14.63 11.49
CA ASN A 141 0.48 15.82 11.58
C ASN A 141 0.26 16.49 10.21
N ARG A 142 -0.60 17.55 10.20
CA ARG A 142 -1.15 18.15 8.97
C ARG A 142 -2.13 17.12 8.43
N SER A 143 -2.92 17.49 7.43
CA SER A 143 -4.00 16.60 7.01
C SER A 143 -4.54 17.05 5.67
N HIS A 144 -5.75 16.58 5.38
CA HIS A 144 -6.57 16.98 4.22
C HIS A 144 -6.86 18.50 4.26
N TYR A 145 -6.76 19.14 5.44
CA TYR A 145 -6.97 20.58 5.58
C TYR A 145 -5.93 21.39 4.81
N GLU A 146 -4.76 20.83 4.56
CA GLU A 146 -3.73 21.53 3.79
C GLU A 146 -4.22 21.82 2.37
N ASP A 147 -5.20 21.03 1.89
CA ASP A 147 -5.80 21.18 0.57
C ASP A 147 -6.81 22.35 0.48
N VAL A 148 -7.08 23.04 1.62
CA VAL A 148 -7.81 24.32 1.69
C VAL A 148 -6.95 25.36 2.44
N LEU A 149 -5.66 25.06 2.70
CA LEU A 149 -4.77 25.98 3.42
C LEU A 149 -3.63 26.44 2.53
N VAL A 150 -2.51 25.72 2.49
CA VAL A 150 -1.40 26.08 1.60
C VAL A 150 -1.88 26.11 0.12
N VAL A 151 -2.81 25.20 -0.24
CA VAL A 151 -3.37 25.11 -1.60
C VAL A 151 -4.13 26.41 -1.97
N ARG A 152 -4.90 26.95 -1.02
CA ARG A 152 -5.68 28.19 -1.15
C ARG A 152 -4.72 29.42 -1.16
N VAL A 153 -3.83 29.50 -0.16
CA VAL A 153 -2.91 30.63 0.00
C VAL A 153 -1.94 30.75 -1.15
N LYS A 154 -1.38 29.61 -1.62
CA LYS A 154 -0.41 29.66 -2.74
C LYS A 154 -1.07 29.49 -4.10
N ASN A 155 -2.41 29.43 -4.14
CA ASN A 155 -3.20 29.28 -5.38
C ASN A 155 -2.71 28.08 -6.19
N LEU A 156 -2.54 26.93 -5.51
CA LEU A 156 -2.07 25.71 -6.20
C LEU A 156 -3.13 25.12 -7.12
N VAL A 157 -4.40 25.47 -6.86
CA VAL A 157 -5.55 25.11 -7.71
C VAL A 157 -6.41 26.39 -7.71
N PRO A 158 -7.25 26.62 -8.74
CA PRO A 158 -8.11 27.82 -8.72
C PRO A 158 -9.12 27.74 -7.57
N GLN A 159 -9.62 28.91 -7.13
CA GLN A 159 -10.64 29.01 -6.08
C GLN A 159 -11.89 28.17 -6.40
N GLN A 160 -12.35 28.16 -7.68
CA GLN A 160 -13.51 27.35 -8.07
C GLN A 160 -13.32 25.87 -7.60
N VAL A 161 -12.07 25.38 -7.68
CA VAL A 161 -11.74 24.02 -7.26
C VAL A 161 -11.70 23.88 -5.71
N TRP A 162 -10.84 24.67 -5.00
CA TRP A 162 -10.68 24.49 -3.57
C TRP A 162 -11.92 24.88 -2.76
N GLN A 163 -12.81 25.78 -3.27
CA GLN A 163 -14.03 26.18 -2.55
C GLN A 163 -14.99 25.00 -2.36
N LYS A 164 -15.01 24.07 -3.33
CA LYS A 164 -15.84 22.86 -3.29
C LYS A 164 -15.39 21.86 -2.23
N ARG A 165 -14.13 21.97 -1.78
CA ARG A 165 -13.50 21.03 -0.85
C ARG A 165 -14.02 21.12 0.57
N TYR A 166 -14.62 22.23 0.98
CA TYR A 166 -15.18 22.35 2.35
C TYR A 166 -16.29 21.32 2.52
N ARG A 167 -17.18 21.18 1.52
CA ARG A 167 -18.25 20.21 1.52
C ARG A 167 -17.63 18.79 1.45
N HIS A 168 -16.64 18.56 0.56
CA HIS A 168 -15.99 17.23 0.46
C HIS A 168 -15.51 16.78 1.84
N ILE A 169 -14.84 17.70 2.56
CA ILE A 169 -14.28 17.43 3.88
C ILE A 169 -15.37 17.16 4.92
N ARG A 170 -16.43 18.01 4.99
CA ARG A 170 -17.56 17.76 5.90
C ARG A 170 -18.14 16.36 5.67
N GLU A 171 -18.33 15.98 4.41
CA GLU A 171 -18.93 14.73 4.01
C GLU A 171 -18.02 13.51 4.19
N PHE A 172 -16.71 13.69 4.00
CA PHE A 172 -15.72 12.63 4.24
C PHE A 172 -15.71 12.35 5.74
N GLU A 173 -15.64 13.42 6.56
CA GLU A 173 -15.62 13.32 8.02
C GLU A 173 -16.94 12.79 8.58
N ARG A 174 -18.09 13.10 7.93
CA ARG A 174 -19.40 12.58 8.34
C ARG A 174 -19.39 11.06 8.18
N MET A 175 -18.93 10.58 7.02
CA MET A 175 -18.83 9.16 6.69
C MET A 175 -17.90 8.48 7.73
N LEU A 176 -16.73 9.08 8.03
CA LEU A 176 -15.79 8.51 9.00
C LEU A 176 -16.44 8.36 10.38
N ALA A 177 -17.11 9.41 10.84
CA ALA A 177 -17.78 9.45 12.15
C ALA A 177 -18.93 8.44 12.19
N ASP A 178 -19.78 8.42 11.13
CA ASP A 178 -20.90 7.46 11.03
C ASP A 178 -20.41 6.03 11.09
N GLU A 179 -19.23 5.77 10.52
CA GLU A 179 -18.65 4.43 10.46
C GLU A 179 -17.78 4.09 11.70
N GLY A 180 -17.81 4.92 12.73
CA GLY A 180 -17.17 4.59 14.00
C GLY A 180 -15.93 5.34 14.45
N THR A 181 -15.51 6.38 13.70
CA THR A 181 -14.31 7.16 14.08
C THR A 181 -14.67 8.35 14.97
N THR A 182 -13.98 8.49 16.10
CA THR A 182 -14.07 9.65 16.97
C THR A 182 -13.03 10.62 16.41
N ILE A 183 -13.47 11.82 16.01
CA ILE A 183 -12.59 12.83 15.42
C ILE A 183 -12.35 14.04 16.32
N LEU A 184 -11.08 14.40 16.52
CA LEU A 184 -10.69 15.60 17.29
C LEU A 184 -9.76 16.39 16.39
N LYS A 185 -10.11 17.66 16.11
CA LYS A 185 -9.25 18.51 15.28
C LYS A 185 -8.80 19.68 16.11
N PHE A 186 -7.47 19.85 16.21
CA PHE A 186 -6.87 20.90 17.00
C PHE A 186 -6.12 21.86 16.11
N PHE A 187 -6.47 23.15 16.23
CA PHE A 187 -5.75 24.21 15.57
C PHE A 187 -4.92 24.84 16.67
N LEU A 188 -3.59 24.63 16.61
CA LEU A 188 -2.68 25.17 17.64
C LEU A 188 -2.37 26.59 17.22
N HIS A 189 -2.99 27.54 17.92
CA HIS A 189 -2.96 28.96 17.57
C HIS A 189 -1.84 29.77 18.23
N ILE A 190 -0.82 30.18 17.45
CA ILE A 190 0.27 31.06 17.92
C ILE A 190 0.18 32.41 17.22
N SER A 191 0.78 33.45 17.81
CA SER A 191 0.82 34.78 17.22
C SER A 191 2.01 34.86 16.24
N LYS A 192 2.01 35.86 15.36
CA LYS A 192 3.02 36.15 14.34
C LYS A 192 4.36 36.43 15.03
N ASP A 193 4.33 37.23 16.11
CA ASP A 193 5.55 37.56 16.87
C ASP A 193 6.11 36.35 17.62
N GLU A 194 5.22 35.47 18.13
CA GLU A 194 5.67 34.20 18.77
C GLU A 194 6.40 33.33 17.73
N GLN A 195 5.80 33.17 16.52
CA GLN A 195 6.44 32.42 15.44
C GLN A 195 7.82 32.99 15.12
N ARG A 196 7.92 34.34 14.99
CA ARG A 196 9.18 35.01 14.71
C ARG A 196 10.24 34.62 15.75
N GLN A 197 9.92 34.69 17.04
CA GLN A 197 10.86 34.32 18.12
C GLN A 197 11.26 32.85 18.02
N ARG A 198 10.29 31.96 17.79
CA ARG A 198 10.56 30.52 17.69
C ARG A 198 11.40 30.17 16.46
N LEU A 199 11.16 30.85 15.33
CA LEU A 199 11.94 30.61 14.11
C LEU A 199 13.36 31.13 14.25
N GLN A 200 13.53 32.27 14.97
CA GLN A 200 14.85 32.87 15.23
C GLN A 200 15.65 31.91 16.12
N GLU A 201 14.99 31.28 17.12
CA GLU A 201 15.60 30.30 18.05
C GLU A 201 16.11 29.08 17.27
N ARG A 202 15.37 28.61 16.24
CA ARG A 202 15.77 27.49 15.36
C ARG A 202 17.04 27.83 14.62
N LEU A 203 17.07 29.03 13.98
CA LEU A 203 18.23 29.54 13.24
C LEU A 203 19.47 29.65 14.10
N ASP A 204 19.29 30.09 15.35
CA ASP A 204 20.37 30.30 16.30
C ASP A 204 20.87 29.02 16.96
N ASN A 205 20.14 27.92 16.81
CA ASN A 205 20.52 26.64 17.39
C ASN A 205 21.15 25.79 16.28
N PRO A 206 22.45 25.37 16.42
CA PRO A 206 23.09 24.55 15.37
C PRO A 206 22.42 23.19 15.14
N GLU A 207 21.70 22.67 16.14
CA GLU A 207 20.99 21.38 16.06
C GLU A 207 19.57 21.49 15.49
N LYS A 208 19.12 22.73 15.16
CA LYS A 208 17.75 22.96 14.65
C LYS A 208 17.71 23.72 13.33
N ARG A 209 18.79 24.41 12.94
CA ARG A 209 18.77 25.24 11.71
C ARG A 209 18.53 24.46 10.42
N TRP A 210 18.73 23.10 10.45
CA TRP A 210 18.41 22.23 9.31
C TRP A 210 16.93 22.35 8.91
N LYS A 211 16.07 22.82 9.85
CA LYS A 211 14.61 22.97 9.63
C LYS A 211 14.26 24.15 8.71
N PHE A 212 15.17 25.12 8.62
CA PHE A 212 14.93 26.31 7.82
C PHE A 212 15.12 26.01 6.35
N ARG A 213 14.11 26.30 5.55
CA ARG A 213 14.15 26.07 4.11
C ARG A 213 14.13 27.40 3.37
N MET A 214 14.66 27.40 2.13
CA MET A 214 14.66 28.58 1.26
C MET A 214 13.22 28.76 0.76
N GLY A 215 12.60 29.86 1.19
CA GLY A 215 11.22 30.20 0.92
C GLY A 215 10.41 30.45 2.18
N ASP A 216 10.96 30.06 3.35
CA ASP A 216 10.33 30.25 4.66
C ASP A 216 10.27 31.72 5.02
N LEU A 217 11.27 32.52 4.60
CA LEU A 217 11.33 33.96 4.82
C LEU A 217 10.24 34.68 4.03
N GLU A 218 10.08 34.34 2.73
CA GLU A 218 9.06 34.97 1.87
C GLU A 218 7.64 34.51 2.25
N ASP A 219 7.51 33.33 2.88
CA ASP A 219 6.23 32.80 3.34
C ASP A 219 5.68 33.56 4.56
N ARG A 220 6.58 34.20 5.35
CA ARG A 220 6.19 35.01 6.51
C ARG A 220 5.22 36.13 6.09
N ARG A 221 5.36 36.62 4.85
CA ARG A 221 4.54 37.69 4.26
C ARG A 221 3.09 37.25 4.10
N LEU A 222 2.87 35.94 3.95
CA LEU A 222 1.56 35.32 3.77
C LEU A 222 0.81 35.03 5.08
N TRP A 223 1.40 35.37 6.26
CA TRP A 223 0.82 35.16 7.60
C TRP A 223 -0.69 35.44 7.65
N ASP A 224 -1.11 36.64 7.30
CA ASP A 224 -2.52 37.06 7.30
C ASP A 224 -3.40 36.22 6.36
N ARG A 225 -2.87 35.83 5.20
CA ARG A 225 -3.61 34.99 4.24
C ARG A 225 -3.87 33.60 4.86
N TYR A 226 -2.88 33.08 5.62
CA TYR A 226 -3.04 31.80 6.31
C TYR A 226 -4.06 31.90 7.42
N GLN A 227 -4.08 33.03 8.15
CA GLN A 227 -5.03 33.23 9.25
C GLN A 227 -6.47 33.24 8.71
N GLU A 228 -6.68 33.92 7.56
CA GLU A 228 -7.97 33.96 6.84
C GLU A 228 -8.35 32.55 6.38
N ALA A 229 -7.35 31.78 5.82
CA ALA A 229 -7.59 30.42 5.33
C ALA A 229 -8.00 29.49 6.49
N TYR A 230 -7.33 29.62 7.65
CA TYR A 230 -7.66 28.84 8.84
C TYR A 230 -9.05 29.17 9.34
N GLU A 231 -9.39 30.47 9.42
CA GLU A 231 -10.71 30.88 9.89
C GLU A 231 -11.83 30.31 9.00
N ALA A 232 -11.66 30.44 7.66
CA ALA A 232 -12.62 29.93 6.68
C ALA A 232 -12.73 28.42 6.80
N ALA A 233 -11.61 27.68 6.87
CA ALA A 233 -11.65 26.22 7.04
C ALA A 233 -12.37 25.79 8.32
N ILE A 234 -12.02 26.43 9.46
CA ILE A 234 -12.61 26.08 10.76
C ILE A 234 -14.11 26.37 10.74
N ARG A 235 -14.52 27.57 10.27
CA ARG A 235 -15.92 27.96 10.16
C ARG A 235 -16.73 26.97 9.29
N GLU A 236 -16.13 26.50 8.19
CA GLU A 236 -16.78 25.62 7.25
C GLU A 236 -16.90 24.19 7.69
N THR A 237 -15.94 23.71 8.49
CA THR A 237 -15.86 22.28 8.82
C THR A 237 -15.98 21.92 10.27
N SER A 238 -16.14 22.88 11.19
CA SER A 238 -16.34 22.49 12.58
C SER A 238 -17.81 22.04 12.70
N THR A 239 -18.01 20.72 12.91
CA THR A 239 -19.36 20.15 12.99
C THR A 239 -19.52 19.43 14.32
N GLU A 240 -20.73 18.94 14.59
CA GLU A 240 -21.05 18.21 15.82
C GLU A 240 -20.27 16.87 15.86
N TYR A 241 -20.16 16.20 14.70
CA TYR A 241 -19.45 14.92 14.60
C TYR A 241 -17.93 15.06 14.42
N ALA A 242 -17.47 16.26 14.01
CA ALA A 242 -16.04 16.49 13.81
C ALA A 242 -15.71 17.92 14.25
N PRO A 243 -15.62 18.16 15.57
CA PRO A 243 -15.38 19.53 16.04
C PRO A 243 -13.92 19.98 15.90
N TRP A 244 -13.76 21.30 15.70
CA TRP A 244 -12.47 21.94 15.75
C TRP A 244 -12.35 22.48 17.18
N TYR A 245 -11.14 22.46 17.73
CA TYR A 245 -10.79 23.08 19.01
C TYR A 245 -9.67 24.08 18.68
N VAL A 246 -9.86 25.35 19.08
CA VAL A 246 -8.82 26.36 18.88
C VAL A 246 -8.04 26.38 20.16
N ILE A 247 -6.73 26.05 20.06
CA ILE A 247 -5.84 25.93 21.24
C ILE A 247 -4.92 27.13 21.34
N PRO A 248 -5.12 28.09 22.29
CA PRO A 248 -4.14 29.19 22.44
C PRO A 248 -2.79 28.48 22.74
N ALA A 249 -1.80 28.73 21.88
CA ALA A 249 -0.59 27.94 21.94
C ALA A 249 0.72 28.71 22.07
N ASN A 250 0.69 30.02 22.41
CA ASN A 250 1.92 30.77 22.67
C ASN A 250 2.74 30.22 23.85
N LYS A 251 2.05 29.57 24.81
CA LYS A 251 2.65 28.91 25.96
C LYS A 251 2.59 27.42 25.70
N ASN A 252 3.77 26.79 25.53
CA ASN A 252 3.88 25.35 25.27
C ASN A 252 3.17 24.53 26.34
N TRP A 253 3.35 24.91 27.64
CA TRP A 253 2.74 24.21 28.77
C TRP A 253 1.22 24.21 28.71
N TYR A 254 0.62 25.32 28.29
CA TYR A 254 -0.84 25.44 28.21
C TYR A 254 -1.41 24.62 27.05
N ARG A 255 -0.75 24.69 25.89
CA ARG A 255 -1.13 23.92 24.70
C ARG A 255 -1.09 22.40 25.05
N ASN A 256 0.01 21.95 25.66
CA ASN A 256 0.17 20.53 26.04
C ASN A 256 -0.88 20.08 27.01
N TRP A 257 -1.14 20.86 28.07
CA TRP A 257 -2.16 20.54 29.07
C TRP A 257 -3.56 20.49 28.46
N LEU A 258 -3.95 21.53 27.71
CA LEU A 258 -5.29 21.67 27.13
C LEU A 258 -5.62 20.59 26.12
N VAL A 259 -4.69 20.28 25.20
CA VAL A 259 -4.87 19.22 24.22
C VAL A 259 -5.04 17.89 24.96
N SER A 260 -4.16 17.61 25.93
CA SER A 260 -4.19 16.38 26.73
C SER A 260 -5.50 16.22 27.48
N HIS A 261 -6.00 17.31 28.07
CA HIS A 261 -7.28 17.31 28.81
C HIS A 261 -8.46 17.00 27.87
N ILE A 262 -8.49 17.64 26.68
CA ILE A 262 -9.56 17.41 25.71
C ILE A 262 -9.52 15.96 25.21
N LEU A 263 -8.33 15.46 24.87
CA LEU A 263 -8.16 14.09 24.40
C LEU A 263 -8.61 13.08 25.46
N VAL A 264 -8.15 13.25 26.70
CA VAL A 264 -8.51 12.34 27.78
C VAL A 264 -10.03 12.36 28.05
N GLU A 265 -10.64 13.56 28.11
CA GLU A 265 -12.09 13.70 28.34
C GLU A 265 -12.89 13.04 27.21
N THR A 266 -12.43 13.19 25.96
CA THR A 266 -13.06 12.57 24.78
C THR A 266 -13.01 11.03 24.93
N LEU A 267 -11.81 10.49 25.26
CA LEU A 267 -11.66 9.04 25.44
C LEU A 267 -12.49 8.50 26.62
N GLU A 268 -12.61 9.28 27.71
CA GLU A 268 -13.42 8.90 28.86
C GLU A 268 -14.89 8.75 28.46
N GLY A 269 -15.35 9.65 27.57
CA GLY A 269 -16.72 9.68 27.07
C GLY A 269 -17.10 8.44 26.29
N LEU A 270 -16.11 7.71 25.76
CA LEU A 270 -16.37 6.48 25.01
C LEU A 270 -16.78 5.30 25.89
N ALA A 271 -16.63 5.41 27.24
CA ALA A 271 -17.02 4.38 28.21
C ALA A 271 -16.51 2.98 27.80
N MET A 272 -15.23 2.90 27.48
CA MET A 272 -14.58 1.66 26.99
C MET A 272 -14.36 0.64 28.08
N GLN A 273 -14.37 -0.66 27.75
CA GLN A 273 -14.16 -1.70 28.78
C GLN A 273 -13.26 -2.77 28.25
N TYR A 274 -12.53 -3.43 29.16
CA TYR A 274 -11.71 -4.57 28.79
C TYR A 274 -12.66 -5.69 28.35
N PRO A 275 -12.32 -6.40 27.23
CA PRO A 275 -13.17 -7.52 26.82
C PRO A 275 -13.30 -8.54 27.96
N GLN A 276 -14.46 -9.22 28.07
CA GLN A 276 -14.68 -10.22 29.12
C GLN A 276 -13.87 -11.50 28.88
N PRO A 277 -13.18 -12.04 29.93
CA PRO A 277 -12.41 -13.29 29.74
C PRO A 277 -13.31 -14.53 29.68
N MET B 21 -30.00 5.84 -26.95
CA MET B 21 -29.11 5.14 -26.00
C MET B 21 -29.12 5.83 -24.61
N LYS B 22 -29.73 7.06 -24.55
CA LYS B 22 -29.96 7.92 -23.38
C LYS B 22 -31.12 7.35 -22.54
N LYS B 23 -31.92 6.43 -23.12
CA LYS B 23 -33.03 5.74 -22.44
C LYS B 23 -32.51 4.82 -21.32
N TYR B 24 -31.22 4.52 -21.33
CA TYR B 24 -30.61 3.64 -20.31
C TYR B 24 -29.97 4.43 -19.15
N ARG B 25 -29.77 5.75 -19.32
CA ARG B 25 -29.21 6.61 -18.27
C ARG B 25 -30.32 6.91 -17.26
N VAL B 26 -30.10 6.60 -15.99
CA VAL B 26 -31.07 6.85 -14.93
C VAL B 26 -31.00 8.35 -14.54
N GLN B 27 -32.08 9.09 -14.82
CA GLN B 27 -32.17 10.53 -14.50
C GLN B 27 -32.05 10.79 -12.99
N PRO B 28 -31.38 11.89 -12.57
CA PRO B 28 -31.20 12.14 -11.13
C PRO B 28 -32.43 12.75 -10.47
N ASP B 29 -33.62 12.17 -10.67
CA ASP B 29 -34.89 12.64 -10.11
C ASP B 29 -35.42 11.78 -8.94
N GLY B 30 -34.68 10.72 -8.59
CA GLY B 30 -35.04 9.77 -7.54
C GLY B 30 -36.36 9.06 -7.76
N ARG B 31 -36.76 8.87 -9.04
CA ARG B 31 -38.03 8.25 -9.44
C ARG B 31 -37.81 6.95 -10.23
N PHE B 32 -36.57 6.42 -10.23
CA PHE B 32 -36.21 5.19 -10.94
C PHE B 32 -37.05 3.99 -10.51
N GLU B 33 -37.50 3.23 -11.51
CA GLU B 33 -38.24 2.00 -11.27
C GLU B 33 -37.61 0.94 -12.12
N LEU B 34 -37.01 -0.07 -11.48
CA LEU B 34 -36.38 -1.22 -12.15
C LEU B 34 -37.34 -2.03 -13.06
N LYS B 35 -38.63 -2.11 -12.69
CA LYS B 35 -39.66 -2.83 -13.48
C LYS B 35 -39.82 -2.30 -14.92
N ARG B 36 -39.37 -1.06 -15.16
CA ARG B 36 -39.45 -0.38 -16.45
C ARG B 36 -38.35 -0.83 -17.41
N PHE B 37 -37.37 -1.62 -16.91
CA PHE B 37 -36.27 -2.12 -17.73
C PHE B 37 -36.40 -3.62 -17.90
N ASP B 38 -36.54 -4.05 -19.15
CA ASP B 38 -36.68 -5.46 -19.52
C ASP B 38 -35.31 -6.03 -19.85
N PRO B 39 -34.79 -7.05 -19.11
CA PRO B 39 -33.50 -7.65 -19.46
C PRO B 39 -33.39 -8.20 -20.92
N ASP B 40 -34.54 -8.45 -21.57
CA ASP B 40 -34.61 -8.94 -22.95
C ASP B 40 -34.67 -7.85 -24.02
N ASP B 41 -34.73 -6.60 -23.58
CA ASP B 41 -34.79 -5.43 -24.46
C ASP B 41 -33.48 -5.28 -25.28
N THR B 42 -33.58 -5.23 -26.63
CA THR B 42 -32.43 -4.97 -27.51
C THR B 42 -32.73 -3.79 -28.46
N SER B 43 -33.69 -2.91 -28.08
CA SER B 43 -34.25 -1.83 -28.92
C SER B 43 -33.27 -0.72 -29.36
N ALA B 44 -32.14 -0.52 -28.67
CA ALA B 44 -31.20 0.51 -29.09
C ALA B 44 -30.33 0.07 -30.28
N PHE B 45 -30.34 -1.24 -30.61
CA PHE B 45 -29.56 -1.76 -31.75
C PHE B 45 -30.47 -2.29 -32.83
N GLU B 46 -30.37 -1.71 -34.05
CA GLU B 46 -31.23 -2.08 -35.17
C GLU B 46 -30.64 -3.25 -35.93
N GLY B 47 -30.58 -4.37 -35.25
CA GLY B 47 -30.03 -5.61 -35.78
C GLY B 47 -29.89 -6.63 -34.69
N GLY B 48 -29.20 -7.70 -35.02
CA GLY B 48 -28.97 -8.80 -34.10
C GLY B 48 -27.51 -9.03 -33.79
N LYS B 49 -27.23 -10.24 -33.30
CA LYS B 49 -25.92 -10.68 -32.86
C LYS B 49 -24.79 -10.45 -33.88
N GLN B 50 -24.96 -10.88 -35.13
CA GLN B 50 -23.95 -10.75 -36.18
C GLN B 50 -23.58 -9.28 -36.46
N ALA B 51 -24.58 -8.41 -36.71
CA ALA B 51 -24.35 -6.99 -36.96
C ALA B 51 -23.70 -6.34 -35.72
N ALA B 52 -24.11 -6.74 -34.48
CA ALA B 52 -23.56 -6.19 -33.23
C ALA B 52 -22.10 -6.57 -33.04
N LEU B 53 -21.68 -7.79 -33.46
CA LEU B 53 -20.30 -8.23 -33.33
C LEU B 53 -19.40 -7.38 -34.22
N GLU B 54 -19.91 -7.01 -35.42
CA GLU B 54 -19.21 -6.15 -36.38
C GLU B 54 -19.10 -4.72 -35.80
N ALA B 55 -20.20 -4.19 -35.22
CA ALA B 55 -20.26 -2.87 -34.58
C ALA B 55 -19.31 -2.82 -33.35
N LEU B 56 -19.24 -3.91 -32.60
CA LEU B 56 -18.37 -4.07 -31.44
C LEU B 56 -16.88 -4.05 -31.86
N ALA B 57 -16.51 -4.68 -32.99
CA ALA B 57 -15.13 -4.65 -33.48
C ALA B 57 -14.71 -3.20 -33.83
N VAL B 58 -15.64 -2.42 -34.43
CA VAL B 58 -15.45 -1.00 -34.77
C VAL B 58 -15.26 -0.21 -33.46
N LEU B 59 -16.11 -0.45 -32.45
CA LEU B 59 -15.99 0.21 -31.14
C LEU B 59 -14.67 -0.13 -30.47
N ASN B 60 -14.19 -1.39 -30.61
CA ASN B 60 -12.92 -1.82 -30.02
C ASN B 60 -11.74 -1.04 -30.62
N ARG B 61 -11.75 -0.83 -31.95
CA ARG B 61 -10.70 -0.07 -32.63
C ARG B 61 -10.72 1.39 -32.18
N ARG B 62 -11.92 1.98 -32.02
CA ARG B 62 -12.08 3.36 -31.52
C ARG B 62 -11.59 3.45 -30.06
N LEU B 63 -11.97 2.46 -29.22
CA LEU B 63 -11.55 2.40 -27.82
C LEU B 63 -10.01 2.36 -27.67
N GLU B 64 -9.31 1.61 -28.55
CA GLU B 64 -7.84 1.52 -28.49
C GLU B 64 -7.21 2.89 -28.64
N LYS B 65 -7.69 3.68 -29.62
CA LYS B 65 -7.17 5.02 -29.86
C LYS B 65 -7.51 5.97 -28.71
N LEU B 66 -8.75 5.89 -28.19
CA LEU B 66 -9.21 6.72 -27.07
C LEU B 66 -8.47 6.44 -25.77
N GLN B 67 -8.20 5.15 -25.46
CA GLN B 67 -7.49 4.77 -24.25
C GLN B 67 -6.02 5.25 -24.34
N GLU B 68 -5.40 5.08 -25.51
CA GLU B 68 -4.03 5.54 -25.70
C GLU B 68 -3.96 7.07 -25.52
N LEU B 69 -4.99 7.79 -26.00
CA LEU B 69 -5.10 9.23 -25.87
C LEU B 69 -5.26 9.60 -24.38
N LEU B 70 -6.10 8.84 -23.65
CA LEU B 70 -6.32 9.02 -22.22
C LEU B 70 -4.97 8.96 -21.48
N TYR B 71 -4.17 7.93 -21.79
CA TYR B 71 -2.86 7.74 -21.19
C TYR B 71 -1.88 8.83 -21.60
N ALA B 72 -1.71 9.08 -22.91
CA ALA B 72 -0.78 10.08 -23.46
C ALA B 72 -1.07 11.48 -22.91
N GLU B 73 -2.34 11.88 -22.89
CA GLU B 73 -2.71 13.20 -22.34
C GLU B 73 -2.42 13.23 -20.81
N GLY B 74 -2.67 12.12 -20.13
CA GLY B 74 -2.42 11.93 -18.71
C GLY B 74 -3.10 12.89 -17.76
N GLN B 75 -4.34 13.30 -18.07
CA GLN B 75 -5.07 14.24 -17.23
C GLN B 75 -6.37 13.68 -16.65
N HIS B 76 -7.16 12.96 -17.45
CA HIS B 76 -8.42 12.39 -16.99
C HIS B 76 -8.22 11.09 -16.24
N LYS B 77 -9.17 10.77 -15.36
CA LYS B 77 -9.21 9.55 -14.58
C LYS B 77 -10.58 8.97 -14.91
N VAL B 78 -10.62 7.70 -15.31
CA VAL B 78 -11.89 7.13 -15.73
C VAL B 78 -12.21 5.92 -14.85
N LEU B 79 -13.37 5.98 -14.20
CA LEU B 79 -13.86 4.91 -13.35
C LEU B 79 -15.10 4.26 -13.94
N VAL B 80 -14.99 2.97 -14.23
CA VAL B 80 -16.12 2.17 -14.72
C VAL B 80 -16.50 1.22 -13.57
N VAL B 81 -17.74 1.29 -13.11
CA VAL B 81 -18.24 0.41 -12.05
C VAL B 81 -19.16 -0.62 -12.68
N LEU B 82 -18.93 -1.91 -12.37
CA LEU B 82 -19.79 -3.00 -12.82
C LEU B 82 -20.46 -3.67 -11.63
N GLN B 83 -21.80 -3.75 -11.69
CA GLN B 83 -22.60 -4.44 -10.67
C GLN B 83 -23.58 -5.31 -11.43
N ALA B 84 -23.81 -6.52 -10.94
CA ALA B 84 -24.77 -7.45 -11.53
C ALA B 84 -24.95 -8.60 -10.59
N MET B 85 -26.11 -9.24 -10.67
CA MET B 85 -26.38 -10.53 -9.97
C MET B 85 -25.36 -11.54 -10.58
N ASP B 86 -24.98 -12.56 -9.82
CA ASP B 86 -24.03 -13.57 -10.31
C ASP B 86 -24.50 -14.14 -11.65
N ALA B 87 -23.55 -14.32 -12.59
CA ALA B 87 -23.74 -14.72 -14.00
C ALA B 87 -24.34 -13.57 -14.86
N GLY B 88 -24.46 -12.38 -14.29
CA GLY B 88 -25.01 -11.19 -14.94
C GLY B 88 -24.19 -10.53 -16.02
N GLY B 89 -22.92 -10.94 -16.16
CA GLY B 89 -22.07 -10.40 -17.22
C GLY B 89 -20.90 -9.52 -16.87
N LYS B 90 -20.53 -9.38 -15.58
CA LYS B 90 -19.39 -8.53 -15.21
C LYS B 90 -18.10 -9.03 -15.85
N ASP B 91 -17.87 -10.34 -15.76
CA ASP B 91 -16.68 -11.01 -16.30
C ASP B 91 -16.59 -10.85 -17.83
N GLY B 92 -17.71 -11.05 -18.53
CA GLY B 92 -17.77 -10.93 -19.98
C GLY B 92 -17.58 -9.50 -20.44
N THR B 93 -18.11 -8.54 -19.68
CA THR B 93 -17.97 -7.10 -19.98
C THR B 93 -16.50 -6.64 -19.83
N ILE B 94 -15.81 -7.11 -18.79
CA ILE B 94 -14.39 -6.84 -18.56
C ILE B 94 -13.57 -7.28 -19.81
N ARG B 95 -13.85 -8.50 -20.30
CA ARG B 95 -13.16 -9.02 -21.48
C ARG B 95 -13.39 -8.15 -22.74
N VAL B 96 -14.62 -7.67 -23.01
CA VAL B 96 -14.83 -6.83 -24.20
C VAL B 96 -14.25 -5.43 -24.01
N VAL B 97 -14.09 -4.97 -22.76
CA VAL B 97 -13.41 -3.71 -22.55
C VAL B 97 -11.92 -3.95 -22.89
N PHE B 98 -11.32 -5.03 -22.37
CA PHE B 98 -9.91 -5.34 -22.58
C PHE B 98 -9.60 -5.65 -24.02
N ASP B 99 -10.59 -6.07 -24.81
CA ASP B 99 -10.40 -6.29 -26.26
C ASP B 99 -10.09 -4.99 -27.01
N GLY B 100 -10.41 -3.84 -26.42
CA GLY B 100 -10.17 -2.54 -27.02
C GLY B 100 -9.20 -1.64 -26.28
N VAL B 101 -8.32 -2.19 -25.43
CA VAL B 101 -7.38 -1.35 -24.67
C VAL B 101 -5.97 -1.92 -24.61
N ASN B 102 -5.03 -1.11 -24.11
CA ASN B 102 -3.69 -1.53 -23.84
C ASN B 102 -3.73 -1.90 -22.33
N PRO B 103 -3.42 -3.17 -21.97
CA PRO B 103 -3.43 -3.58 -20.53
C PRO B 103 -2.50 -2.77 -19.63
N SER B 104 -1.50 -2.08 -20.20
CA SER B 104 -0.60 -1.23 -19.42
C SER B 104 -1.29 0.04 -18.84
N GLY B 105 -2.46 0.40 -19.35
CA GLY B 105 -3.16 1.58 -18.87
C GLY B 105 -4.53 1.32 -18.28
N VAL B 106 -4.93 0.05 -18.20
CA VAL B 106 -6.26 -0.34 -17.70
C VAL B 106 -6.08 -1.45 -16.70
N ARG B 107 -6.81 -1.37 -15.59
CA ARG B 107 -6.76 -2.44 -14.62
C ARG B 107 -8.14 -2.71 -14.01
N VAL B 108 -8.29 -3.93 -13.50
CA VAL B 108 -9.49 -4.39 -12.80
C VAL B 108 -9.19 -4.35 -11.30
N ALA B 109 -10.04 -3.67 -10.52
CA ALA B 109 -10.02 -3.71 -9.06
C ALA B 109 -11.31 -4.45 -8.68
N SER B 110 -11.18 -5.66 -8.17
CA SER B 110 -12.36 -6.43 -7.78
C SER B 110 -12.55 -6.40 -6.29
N PHE B 111 -13.81 -6.41 -5.87
CA PHE B 111 -14.17 -6.36 -4.47
C PHE B 111 -14.90 -7.60 -4.05
N GLY B 112 -14.27 -8.36 -3.16
CA GLY B 112 -14.81 -9.60 -2.62
C GLY B 112 -15.20 -9.45 -1.16
N VAL B 113 -15.30 -10.57 -0.46
CA VAL B 113 -15.66 -10.60 0.95
C VAL B 113 -14.63 -9.79 1.75
N PRO B 114 -15.02 -8.73 2.48
CA PRO B 114 -14.02 -7.92 3.19
C PRO B 114 -13.21 -8.74 4.20
N THR B 115 -11.91 -8.44 4.30
CA THR B 115 -11.03 -9.10 5.26
C THR B 115 -11.18 -8.38 6.61
N GLU B 116 -10.59 -8.91 7.66
CA GLU B 116 -10.56 -8.30 9.00
C GLU B 116 -9.94 -6.87 8.92
N GLN B 117 -8.84 -6.68 8.16
CA GLN B 117 -8.20 -5.35 8.03
C GLN B 117 -9.10 -4.36 7.33
N GLU B 118 -9.86 -4.83 6.33
CA GLU B 118 -10.79 -3.98 5.57
C GLU B 118 -11.98 -3.59 6.42
N LEU B 119 -12.52 -4.54 7.21
CA LEU B 119 -13.64 -4.27 8.11
C LEU B 119 -13.20 -3.40 9.31
N ALA B 120 -11.88 -3.37 9.61
CA ALA B 120 -11.37 -2.57 10.73
C ALA B 120 -11.32 -1.07 10.41
N ARG B 121 -11.59 -0.71 9.14
CA ARG B 121 -11.68 0.68 8.68
C ARG B 121 -13.04 0.85 8.05
N ASP B 122 -13.44 2.09 7.75
CA ASP B 122 -14.72 2.39 7.10
C ASP B 122 -14.75 1.64 5.76
N TYR B 123 -15.96 1.22 5.33
CA TYR B 123 -16.17 0.48 4.09
C TYR B 123 -15.60 1.19 2.82
N LEU B 124 -15.49 2.54 2.82
CA LEU B 124 -14.94 3.21 1.62
C LEU B 124 -13.40 3.14 1.54
N TRP B 125 -12.72 2.83 2.65
CA TRP B 125 -11.25 2.77 2.69
C TRP B 125 -10.66 1.86 1.60
N ARG B 126 -11.08 0.60 1.54
CA ARG B 126 -10.56 -0.37 0.57
C ARG B 126 -10.91 0.03 -0.88
N VAL B 127 -12.03 0.74 -1.05
CA VAL B 127 -12.50 1.16 -2.37
C VAL B 127 -11.72 2.40 -2.85
N HIS B 128 -11.61 3.43 -2.00
CA HIS B 128 -10.91 4.66 -2.32
C HIS B 128 -9.44 4.37 -2.72
N GLN B 129 -8.81 3.39 -2.06
CA GLN B 129 -7.43 2.98 -2.38
C GLN B 129 -7.22 2.66 -3.88
N GLN B 130 -8.24 2.06 -4.51
CA GLN B 130 -8.22 1.56 -5.88
C GLN B 130 -8.69 2.52 -6.99
N VAL B 131 -9.01 3.76 -6.66
CA VAL B 131 -9.53 4.72 -7.67
C VAL B 131 -8.52 4.95 -8.80
N PRO B 132 -8.97 5.23 -10.03
CA PRO B 132 -7.99 5.48 -11.11
C PRO B 132 -7.17 6.73 -10.90
N ARG B 133 -5.92 6.71 -11.36
CA ARG B 133 -5.07 7.89 -11.28
C ARG B 133 -5.19 8.60 -12.65
N LYS B 134 -4.57 9.78 -12.81
CA LYS B 134 -4.58 10.50 -14.08
C LYS B 134 -3.97 9.62 -15.19
N GLY B 135 -4.67 9.60 -16.33
CA GLY B 135 -4.31 8.82 -17.51
C GLY B 135 -4.68 7.35 -17.43
N GLU B 136 -5.46 6.97 -16.40
CA GLU B 136 -5.82 5.56 -16.17
C GLU B 136 -7.30 5.32 -16.23
N LEU B 137 -7.68 4.12 -16.68
CA LEU B 137 -9.05 3.65 -16.69
C LEU B 137 -9.06 2.47 -15.72
N VAL B 138 -9.94 2.51 -14.72
CA VAL B 138 -10.07 1.40 -13.78
C VAL B 138 -11.48 0.86 -13.87
N ILE B 139 -11.60 -0.46 -13.89
CA ILE B 139 -12.88 -1.14 -13.82
C ILE B 139 -13.01 -1.68 -12.40
N PHE B 140 -14.08 -1.30 -11.72
CA PHE B 140 -14.40 -1.87 -10.41
C PHE B 140 -15.34 -3.05 -10.70
N ASN B 141 -14.90 -4.28 -10.40
CA ASN B 141 -15.75 -5.46 -10.52
C ASN B 141 -16.33 -5.59 -9.11
N ARG B 142 -17.61 -5.21 -8.95
CA ARG B 142 -18.29 -4.97 -7.67
C ARG B 142 -17.61 -3.69 -7.14
N SER B 143 -18.09 -3.14 -6.01
CA SER B 143 -17.56 -1.84 -5.61
C SER B 143 -18.07 -1.52 -4.21
N HIS B 144 -18.02 -0.24 -3.86
CA HIS B 144 -18.59 0.32 -2.63
C HIS B 144 -20.10 0.09 -2.56
N TYR B 145 -20.76 -0.19 -3.71
CA TYR B 145 -22.20 -0.46 -3.76
C TYR B 145 -22.57 -1.73 -3.02
N GLU B 146 -21.65 -2.70 -2.87
CA GLU B 146 -21.97 -3.94 -2.15
C GLU B 146 -22.27 -3.61 -0.69
N ASP B 147 -21.73 -2.48 -0.20
CA ASP B 147 -21.98 -2.02 1.17
C ASP B 147 -23.44 -1.48 1.40
N VAL B 148 -24.29 -1.47 0.35
CA VAL B 148 -25.76 -1.16 0.41
C VAL B 148 -26.55 -2.26 -0.36
N LEU B 149 -25.85 -3.35 -0.72
CA LEU B 149 -26.44 -4.44 -1.48
C LEU B 149 -26.42 -5.70 -0.63
N VAL B 150 -25.38 -6.54 -0.73
CA VAL B 150 -25.29 -7.76 0.12
C VAL B 150 -25.36 -7.39 1.62
N VAL B 151 -24.75 -6.24 1.98
CA VAL B 151 -24.73 -5.74 3.38
C VAL B 151 -26.17 -5.49 3.88
N ARG B 152 -26.99 -4.90 3.01
CA ARG B 152 -28.39 -4.59 3.25
C ARG B 152 -29.22 -5.90 3.24
N VAL B 153 -29.07 -6.74 2.19
CA VAL B 153 -29.86 -7.96 2.01
C VAL B 153 -29.62 -8.96 3.16
N LYS B 154 -28.35 -9.15 3.54
CA LYS B 154 -28.01 -10.12 4.60
C LYS B 154 -27.95 -9.50 5.99
N ASN B 155 -28.28 -8.19 6.10
CA ASN B 155 -28.29 -7.45 7.37
C ASN B 155 -26.94 -7.56 8.07
N LEU B 156 -25.84 -7.33 7.31
CA LEU B 156 -24.48 -7.45 7.85
C LEU B 156 -24.13 -6.32 8.81
N VAL B 157 -24.86 -5.21 8.72
CA VAL B 157 -24.81 -4.07 9.65
C VAL B 157 -26.29 -3.69 9.82
N PRO B 158 -26.68 -3.04 10.95
CA PRO B 158 -28.10 -2.62 11.08
C PRO B 158 -28.48 -1.60 9.99
N GLN B 159 -29.78 -1.51 9.65
CA GLN B 159 -30.30 -0.56 8.67
C GLN B 159 -29.95 0.88 9.05
N GLN B 160 -29.91 1.20 10.35
CA GLN B 160 -29.53 2.52 10.89
C GLN B 160 -28.17 2.94 10.32
N VAL B 161 -27.26 1.99 10.19
CA VAL B 161 -25.92 2.17 9.64
C VAL B 161 -25.94 2.24 8.08
N TRP B 162 -26.44 1.21 7.37
CA TRP B 162 -26.35 1.19 5.90
C TRP B 162 -27.22 2.24 5.20
N GLN B 163 -28.33 2.72 5.83
CA GLN B 163 -29.19 3.76 5.21
C GLN B 163 -28.43 5.09 5.04
N LYS B 164 -27.49 5.39 5.95
CA LYS B 164 -26.65 6.59 5.91
C LYS B 164 -25.65 6.56 4.75
N ARG B 165 -25.37 5.37 4.20
CA ARG B 165 -24.36 5.16 3.18
C ARG B 165 -24.73 5.69 1.80
N TYR B 166 -26.03 5.87 1.48
CA TYR B 166 -26.44 6.44 0.22
C TYR B 166 -25.86 7.86 0.06
N ARG B 167 -25.97 8.68 1.13
CA ARG B 167 -25.42 10.03 1.15
C ARG B 167 -23.87 9.94 1.10
N HIS B 168 -23.25 9.04 1.88
CA HIS B 168 -21.77 8.87 1.86
C HIS B 168 -21.30 8.65 0.44
N ILE B 169 -21.99 7.76 -0.30
CA ILE B 169 -21.65 7.38 -1.67
C ILE B 169 -21.84 8.55 -2.63
N ARG B 170 -23.00 9.27 -2.56
CA ARG B 170 -23.23 10.46 -3.41
C ARG B 170 -22.09 11.47 -3.23
N GLU B 171 -21.68 11.68 -1.98
CA GLU B 171 -20.68 12.67 -1.60
C GLU B 171 -19.25 12.25 -1.94
N PHE B 172 -18.96 10.96 -1.80
CA PHE B 172 -17.63 10.41 -2.17
C PHE B 172 -17.50 10.55 -3.72
N GLU B 173 -18.55 10.18 -4.45
CA GLU B 173 -18.55 10.28 -5.91
C GLU B 173 -18.53 11.73 -6.40
N ARG B 174 -19.17 12.66 -5.65
CA ARG B 174 -19.15 14.10 -6.00
C ARG B 174 -17.70 14.62 -5.89
N MET B 175 -17.01 14.25 -4.80
CA MET B 175 -15.64 14.63 -4.55
C MET B 175 -14.75 14.06 -5.69
N LEU B 176 -14.93 12.77 -6.05
CA LEU B 176 -14.16 12.14 -7.12
C LEU B 176 -14.35 12.88 -8.44
N ALA B 177 -15.61 13.18 -8.82
CA ALA B 177 -15.96 13.87 -10.06
C ALA B 177 -15.42 15.31 -10.04
N ASP B 178 -15.60 16.06 -8.94
CA ASP B 178 -15.08 17.42 -8.79
C ASP B 178 -13.57 17.45 -8.96
N GLU B 179 -12.88 16.41 -8.49
CA GLU B 179 -11.43 16.34 -8.57
C GLU B 179 -10.90 15.72 -9.88
N GLY B 180 -11.78 15.46 -10.85
CA GLY B 180 -11.33 15.05 -12.17
C GLY B 180 -11.62 13.66 -12.66
N THR B 181 -12.43 12.87 -11.91
CA THR B 181 -12.79 11.52 -12.35
C THR B 181 -14.09 11.50 -13.15
N THR B 182 -14.06 10.85 -14.33
CA THR B 182 -15.23 10.59 -15.14
C THR B 182 -15.77 9.25 -14.61
N ILE B 183 -17.02 9.24 -14.14
CA ILE B 183 -17.62 8.04 -13.54
C ILE B 183 -18.74 7.45 -14.39
N LEU B 184 -18.66 6.14 -14.68
CA LEU B 184 -19.69 5.40 -15.40
C LEU B 184 -20.05 4.22 -14.54
N LYS B 185 -21.32 4.07 -14.17
CA LYS B 185 -21.78 2.94 -13.37
C LYS B 185 -22.77 2.16 -14.20
N PHE B 186 -22.50 0.87 -14.39
CA PHE B 186 -23.35 -0.02 -15.16
C PHE B 186 -23.95 -1.09 -14.28
N PHE B 187 -25.27 -1.20 -14.32
CA PHE B 187 -25.98 -2.27 -13.68
C PHE B 187 -26.36 -3.21 -14.83
N LEU B 188 -25.74 -4.40 -14.87
CA LEU B 188 -26.00 -5.37 -15.92
C LEU B 188 -27.19 -6.18 -15.45
N HIS B 189 -28.32 -5.95 -16.09
CA HIS B 189 -29.63 -6.44 -15.67
C HIS B 189 -30.11 -7.71 -16.39
N ILE B 190 -30.06 -8.84 -15.68
CA ILE B 190 -30.54 -10.14 -16.17
C ILE B 190 -31.78 -10.56 -15.37
N SER B 191 -32.63 -11.41 -15.97
CA SER B 191 -33.81 -11.96 -15.34
C SER B 191 -33.42 -13.16 -14.45
N LYS B 192 -34.30 -13.53 -13.52
CA LYS B 192 -34.13 -14.64 -12.55
C LYS B 192 -33.99 -15.97 -13.34
N ASP B 193 -34.83 -16.16 -14.35
CA ASP B 193 -34.75 -17.37 -15.19
C ASP B 193 -33.48 -17.41 -16.06
N GLU B 194 -32.99 -16.26 -16.54
CA GLU B 194 -31.71 -16.21 -17.27
C GLU B 194 -30.56 -16.63 -16.33
N GLN B 195 -30.54 -16.09 -15.08
CA GLN B 195 -29.53 -16.48 -14.10
C GLN B 195 -29.57 -17.99 -13.84
N ARG B 196 -30.79 -18.56 -13.68
CA ARG B 196 -30.97 -19.99 -13.45
C ARG B 196 -30.31 -20.80 -14.55
N GLN B 197 -30.58 -20.44 -15.83
CA GLN B 197 -29.99 -21.15 -16.99
C GLN B 197 -28.46 -21.04 -16.98
N ARG B 198 -27.94 -19.84 -16.72
CA ARG B 198 -26.49 -19.59 -16.73
C ARG B 198 -25.79 -20.34 -15.58
N LEU B 199 -26.43 -20.40 -14.39
CA LEU B 199 -25.84 -21.09 -13.24
C LEU B 199 -25.87 -22.61 -13.45
N GLN B 200 -26.92 -23.12 -14.12
CA GLN B 200 -27.05 -24.53 -14.46
C GLN B 200 -25.95 -24.93 -15.45
N GLU B 201 -25.64 -24.05 -16.42
CA GLU B 201 -24.57 -24.26 -17.41
C GLU B 201 -23.20 -24.35 -16.71
N ARG B 202 -22.96 -23.51 -15.66
CA ARG B 202 -21.69 -23.55 -14.90
C ARG B 202 -21.51 -24.89 -14.24
N LEU B 203 -22.56 -25.32 -13.55
CA LEU B 203 -22.63 -26.57 -12.83
C LEU B 203 -22.37 -27.77 -13.72
N ASP B 204 -22.89 -27.73 -14.96
CA ASP B 204 -22.79 -28.79 -15.96
C ASP B 204 -21.48 -28.79 -16.74
N ASN B 205 -20.68 -27.73 -16.60
CA ASN B 205 -19.40 -27.63 -17.29
C ASN B 205 -18.29 -27.99 -16.27
N PRO B 206 -17.48 -29.05 -16.53
CA PRO B 206 -16.42 -29.41 -15.57
C PRO B 206 -15.34 -28.34 -15.38
N GLU B 207 -15.17 -27.44 -16.36
CA GLU B 207 -14.20 -26.35 -16.31
C GLU B 207 -14.72 -25.09 -15.61
N LYS B 208 -16.03 -25.07 -15.22
CA LYS B 208 -16.69 -23.91 -14.59
C LYS B 208 -17.33 -24.21 -13.25
N ARG B 209 -17.52 -25.51 -12.91
CA ARG B 209 -18.22 -25.92 -11.69
C ARG B 209 -17.53 -25.46 -10.42
N TRP B 210 -16.21 -25.11 -10.49
CA TRP B 210 -15.45 -24.57 -9.37
C TRP B 210 -16.03 -23.24 -8.87
N LYS B 211 -16.76 -22.51 -9.75
CA LYS B 211 -17.39 -21.22 -9.42
C LYS B 211 -18.53 -21.40 -8.39
N PHE B 212 -19.23 -22.54 -8.45
CA PHE B 212 -20.35 -22.85 -7.57
C PHE B 212 -19.94 -23.19 -6.13
N ARG B 213 -20.65 -22.57 -5.19
CA ARG B 213 -20.46 -22.78 -3.74
C ARG B 213 -21.81 -23.03 -3.11
N MET B 214 -21.93 -24.02 -2.20
CA MET B 214 -23.21 -24.24 -1.48
C MET B 214 -23.42 -22.95 -0.67
N GLY B 215 -24.58 -22.36 -0.86
CA GLY B 215 -24.92 -21.05 -0.31
C GLY B 215 -25.48 -20.20 -1.42
N ASP B 216 -25.06 -20.51 -2.68
CA ASP B 216 -25.57 -19.90 -3.90
C ASP B 216 -27.05 -20.27 -4.05
N LEU B 217 -27.40 -21.50 -3.62
CA LEU B 217 -28.76 -22.02 -3.67
C LEU B 217 -29.67 -21.25 -2.72
N GLU B 218 -29.16 -20.88 -1.52
CA GLU B 218 -29.92 -20.07 -0.56
C GLU B 218 -30.00 -18.64 -1.11
N ASP B 219 -28.88 -18.12 -1.67
CA ASP B 219 -28.79 -16.79 -2.30
C ASP B 219 -29.86 -16.57 -3.38
N ARG B 220 -30.29 -17.64 -4.11
CA ARG B 220 -31.36 -17.56 -5.12
C ARG B 220 -32.68 -17.15 -4.47
N ARG B 221 -32.97 -17.65 -3.22
CA ARG B 221 -34.20 -17.31 -2.50
C ARG B 221 -34.29 -15.80 -2.24
N LEU B 222 -33.14 -15.12 -2.25
CA LEU B 222 -33.00 -13.68 -1.98
C LEU B 222 -33.04 -12.78 -3.23
N TRP B 223 -33.33 -13.37 -4.40
CA TRP B 223 -33.41 -12.66 -5.69
C TRP B 223 -34.20 -11.35 -5.58
N ASP B 224 -35.46 -11.40 -5.09
CA ASP B 224 -36.32 -10.21 -4.95
C ASP B 224 -35.74 -9.15 -4.01
N ARG B 225 -35.08 -9.58 -2.92
CA ARG B 225 -34.43 -8.66 -1.96
C ARG B 225 -33.29 -7.91 -2.62
N TYR B 226 -32.55 -8.59 -3.51
CA TYR B 226 -31.46 -7.98 -4.25
C TYR B 226 -31.99 -6.99 -5.25
N GLN B 227 -33.11 -7.33 -5.94
CA GLN B 227 -33.69 -6.44 -6.94
C GLN B 227 -34.13 -5.13 -6.29
N GLU B 228 -34.76 -5.22 -5.08
CA GLU B 228 -35.17 -4.06 -4.28
C GLU B 228 -33.94 -3.26 -3.87
N ALA B 229 -32.85 -3.95 -3.41
CA ALA B 229 -31.62 -3.29 -2.97
C ALA B 229 -30.97 -2.54 -4.14
N TYR B 230 -30.94 -3.14 -5.33
CA TYR B 230 -30.42 -2.50 -6.55
C TYR B 230 -31.25 -1.28 -6.93
N GLU B 231 -32.58 -1.41 -6.91
CA GLU B 231 -33.47 -0.30 -7.25
C GLU B 231 -33.25 0.89 -6.31
N ALA B 232 -33.19 0.61 -4.98
CA ALA B 232 -32.95 1.65 -3.98
C ALA B 232 -31.54 2.27 -4.15
N ALA B 233 -30.51 1.45 -4.41
CA ALA B 233 -29.14 1.98 -4.60
C ALA B 233 -29.06 2.88 -5.82
N ILE B 234 -29.73 2.47 -6.92
CA ILE B 234 -29.69 3.23 -8.17
C ILE B 234 -30.45 4.53 -8.05
N ARG B 235 -31.67 4.48 -7.51
CA ARG B 235 -32.54 5.64 -7.26
C ARG B 235 -31.80 6.66 -6.37
N GLU B 236 -31.13 6.19 -5.31
CA GLU B 236 -30.44 7.03 -4.34
C GLU B 236 -29.14 7.68 -4.84
N THR B 237 -28.42 7.04 -5.81
CA THR B 237 -27.08 7.48 -6.20
C THR B 237 -26.88 7.82 -7.68
N SER B 238 -27.91 7.67 -8.54
CA SER B 238 -27.73 8.08 -9.94
C SER B 238 -27.82 9.61 -9.94
N THR B 239 -26.67 10.26 -10.20
CA THR B 239 -26.60 11.72 -10.21
C THR B 239 -26.07 12.21 -11.55
N GLU B 240 -26.06 13.52 -11.74
CA GLU B 240 -25.57 14.16 -12.96
C GLU B 240 -24.06 13.88 -13.15
N TYR B 241 -23.27 13.93 -12.06
CA TYR B 241 -21.83 13.70 -12.08
C TYR B 241 -21.46 12.21 -12.03
N ALA B 242 -22.39 11.35 -11.60
CA ALA B 242 -22.10 9.91 -11.47
C ALA B 242 -23.37 9.14 -11.86
N PRO B 243 -23.66 9.05 -13.18
CA PRO B 243 -24.89 8.36 -13.59
C PRO B 243 -24.80 6.84 -13.54
N TRP B 244 -25.96 6.23 -13.30
CA TRP B 244 -26.13 4.80 -13.42
C TRP B 244 -26.71 4.58 -14.82
N TYR B 245 -26.29 3.49 -15.48
CA TYR B 245 -26.85 3.03 -16.75
C TYR B 245 -27.38 1.63 -16.47
N VAL B 246 -28.66 1.38 -16.80
CA VAL B 246 -29.25 0.05 -16.62
C VAL B 246 -29.10 -0.61 -17.97
N ILE B 247 -28.35 -1.72 -18.02
CA ILE B 247 -28.04 -2.45 -19.24
C ILE B 247 -28.86 -3.73 -19.34
N PRO B 248 -29.86 -3.81 -20.26
CA PRO B 248 -30.56 -5.10 -20.47
C PRO B 248 -29.48 -6.09 -20.88
N ALA B 249 -29.31 -7.15 -20.08
CA ALA B 249 -28.17 -8.03 -20.26
C ALA B 249 -28.47 -9.51 -20.45
N ASN B 250 -29.73 -9.90 -20.75
CA ASN B 250 -30.03 -11.32 -21.04
C ASN B 250 -29.32 -11.82 -22.30
N LYS B 251 -29.01 -10.90 -23.23
CA LYS B 251 -28.27 -11.16 -24.46
C LYS B 251 -26.87 -10.61 -24.26
N ASN B 252 -25.88 -11.51 -24.22
CA ASN B 252 -24.46 -11.14 -24.02
C ASN B 252 -24.00 -10.15 -25.08
N TRP B 253 -24.40 -10.38 -26.36
CA TRP B 253 -24.02 -9.51 -27.49
C TRP B 253 -24.51 -8.07 -27.29
N TYR B 254 -25.72 -7.89 -26.77
CA TYR B 254 -26.32 -6.57 -26.57
C TYR B 254 -25.66 -5.82 -25.42
N ARG B 255 -25.43 -6.54 -24.30
CA ARG B 255 -24.75 -6.01 -23.14
C ARG B 255 -23.35 -5.51 -23.56
N ASN B 256 -22.57 -6.35 -24.28
CA ASN B 256 -21.22 -6.01 -24.75
C ASN B 256 -21.19 -4.80 -25.66
N TRP B 257 -22.09 -4.76 -26.63
CA TRP B 257 -22.21 -3.65 -27.57
C TRP B 257 -22.59 -2.35 -26.86
N LEU B 258 -23.63 -2.37 -26.04
CA LEU B 258 -24.17 -1.20 -25.36
C LEU B 258 -23.21 -0.59 -24.36
N VAL B 259 -22.56 -1.43 -23.54
CA VAL B 259 -21.57 -0.93 -22.58
C VAL B 259 -20.41 -0.27 -23.35
N SER B 260 -19.91 -0.95 -24.42
CA SER B 260 -18.81 -0.46 -25.26
C SER B 260 -19.17 0.86 -25.92
N HIS B 261 -20.41 0.95 -26.43
CA HIS B 261 -20.94 2.18 -27.05
C HIS B 261 -20.94 3.35 -26.06
N ILE B 262 -21.47 3.13 -24.83
CA ILE B 262 -21.54 4.18 -23.81
C ILE B 262 -20.13 4.61 -23.40
N LEU B 263 -19.24 3.66 -23.17
CA LEU B 263 -17.86 3.96 -22.79
C LEU B 263 -17.13 4.76 -23.86
N VAL B 264 -17.20 4.31 -25.12
CA VAL B 264 -16.56 5.03 -26.23
C VAL B 264 -17.12 6.46 -26.38
N GLU B 265 -18.46 6.63 -26.35
CA GLU B 265 -19.11 7.93 -26.46
C GLU B 265 -18.69 8.87 -25.30
N THR B 266 -18.57 8.32 -24.08
CA THR B 266 -18.15 9.08 -22.91
C THR B 266 -16.69 9.57 -23.13
N LEU B 267 -15.79 8.67 -23.55
CA LEU B 267 -14.40 9.04 -23.82
C LEU B 267 -14.28 10.07 -24.94
N GLU B 268 -15.12 9.96 -26.01
CA GLU B 268 -15.14 10.93 -27.12
C GLU B 268 -15.50 12.31 -26.61
N GLY B 269 -16.46 12.36 -25.67
CA GLY B 269 -16.95 13.60 -25.07
C GLY B 269 -15.88 14.38 -24.32
N LEU B 270 -14.80 13.69 -23.89
CA LEU B 270 -13.71 14.34 -23.16
C LEU B 270 -12.83 15.22 -24.06
N ALA B 271 -12.96 15.07 -25.40
CA ALA B 271 -12.20 15.80 -26.44
C ALA B 271 -10.70 15.89 -26.06
N MET B 272 -10.10 14.73 -25.77
CA MET B 272 -8.71 14.59 -25.35
C MET B 272 -7.73 14.95 -26.45
N GLN B 273 -6.64 15.61 -26.08
CA GLN B 273 -5.63 16.05 -27.05
C GLN B 273 -4.29 15.39 -26.75
N TYR B 274 -3.57 14.97 -27.79
CA TYR B 274 -2.22 14.41 -27.62
C TYR B 274 -1.33 15.51 -27.03
N PRO B 275 -0.41 15.21 -26.09
CA PRO B 275 0.47 16.30 -25.58
C PRO B 275 1.28 16.92 -26.69
N GLN B 276 1.50 18.25 -26.57
CA GLN B 276 2.27 19.09 -27.50
C GLN B 276 3.75 18.65 -27.50
N ILE B 284 13.06 15.41 -36.76
CA ILE B 284 14.21 14.61 -36.29
C ILE B 284 14.36 13.34 -37.13
N VAL B 285 15.59 13.09 -37.65
CA VAL B 285 15.92 11.89 -38.43
C VAL B 285 17.05 11.15 -37.69
N ILE B 286 16.71 10.00 -37.04
CA ILE B 286 17.63 9.15 -36.27
C ILE B 286 18.65 8.44 -37.18
N GLU B 287 19.94 8.42 -36.75
CA GLU B 287 21.04 7.77 -37.48
C GLU B 287 21.40 6.42 -36.86
N MET C 21 10.99 -23.85 -25.19
CA MET C 21 12.22 -24.14 -25.92
C MET C 21 13.44 -24.39 -25.02
N LYS C 22 14.59 -24.78 -25.63
CA LYS C 22 15.86 -25.11 -24.99
C LYS C 22 17.04 -24.30 -25.55
N LYS C 23 17.03 -24.00 -26.89
CA LYS C 23 18.09 -23.18 -27.53
C LYS C 23 18.05 -21.72 -27.05
N TYR C 24 16.85 -21.24 -26.67
CA TYR C 24 16.68 -19.87 -26.19
C TYR C 24 16.82 -19.75 -24.69
N ARG C 25 16.79 -20.87 -23.94
CA ARG C 25 16.98 -20.87 -22.49
C ARG C 25 18.48 -20.72 -22.18
N VAL C 26 18.85 -19.72 -21.41
CA VAL C 26 20.25 -19.49 -21.05
C VAL C 26 20.63 -20.45 -19.91
N GLN C 27 21.53 -21.39 -20.18
CA GLN C 27 21.99 -22.38 -19.20
C GLN C 27 22.67 -21.74 -18.00
N PRO C 28 22.48 -22.27 -16.77
CA PRO C 28 23.10 -21.63 -15.60
C PRO C 28 24.58 -21.97 -15.42
N ASP C 29 25.39 -21.81 -16.49
CA ASP C 29 26.82 -22.10 -16.47
C ASP C 29 27.73 -20.86 -16.44
N GLY C 30 27.11 -19.67 -16.45
CA GLY C 30 27.82 -18.39 -16.44
C GLY C 30 28.73 -18.17 -17.64
N ARG C 31 28.40 -18.79 -18.79
CA ARG C 31 29.17 -18.71 -20.03
C ARG C 31 28.40 -18.06 -21.20
N PHE C 32 27.26 -17.42 -20.89
CA PHE C 32 26.40 -16.76 -21.86
C PHE C 32 27.10 -15.70 -22.67
N GLU C 33 26.89 -15.73 -23.99
CA GLU C 33 27.41 -14.73 -24.90
C GLU C 33 26.28 -14.24 -25.76
N LEU C 34 25.91 -12.96 -25.61
CA LEU C 34 24.84 -12.32 -26.37
C LEU C 34 25.08 -12.33 -27.91
N LYS C 35 26.35 -12.26 -28.36
CA LYS C 35 26.73 -12.29 -29.80
C LYS C 35 26.22 -13.55 -30.52
N ARG C 36 25.94 -14.64 -29.77
CA ARG C 36 25.47 -15.94 -30.27
C ARG C 36 24.00 -15.93 -30.61
N PHE C 37 23.28 -14.85 -30.25
CA PHE C 37 21.85 -14.72 -30.50
C PHE C 37 21.60 -13.64 -31.53
N ASP C 38 21.01 -14.03 -32.66
CA ASP C 38 20.73 -13.13 -33.75
C ASP C 38 19.29 -12.60 -33.62
N PRO C 39 19.06 -11.27 -33.47
CA PRO C 39 17.68 -10.73 -33.40
C PRO C 39 16.77 -11.10 -34.59
N ASP C 40 17.37 -11.51 -35.73
CA ASP C 40 16.65 -11.89 -36.96
C ASP C 40 16.37 -13.39 -37.06
N ASP C 41 16.85 -14.17 -36.07
CA ASP C 41 16.68 -15.62 -36.05
C ASP C 41 15.21 -15.99 -35.87
N THR C 42 14.73 -16.85 -36.74
CA THR C 42 13.32 -17.25 -36.80
C THR C 42 13.22 -18.80 -36.95
N SER C 43 14.33 -19.50 -36.60
CA SER C 43 14.54 -20.94 -36.81
C SER C 43 13.67 -21.91 -36.00
N ALA C 44 13.08 -21.50 -34.85
CA ALA C 44 12.24 -22.41 -34.09
C ALA C 44 10.83 -22.57 -34.69
N PHE C 45 10.47 -21.72 -35.67
CA PHE C 45 9.17 -21.79 -36.32
C PHE C 45 9.31 -22.07 -37.83
N GLU C 46 8.73 -23.21 -38.29
CA GLU C 46 8.67 -23.66 -39.70
C GLU C 46 7.42 -22.97 -40.27
N GLY C 47 7.65 -22.07 -41.22
CA GLY C 47 6.63 -21.22 -41.79
C GLY C 47 6.93 -19.78 -41.36
N GLY C 48 6.17 -18.84 -41.91
CA GLY C 48 6.35 -17.42 -41.66
C GLY C 48 5.23 -16.81 -40.86
N LYS C 49 5.04 -15.48 -41.06
CA LYS C 49 4.08 -14.62 -40.36
C LYS C 49 2.66 -15.20 -40.30
N GLN C 50 2.08 -15.58 -41.45
CA GLN C 50 0.71 -16.08 -41.51
C GLN C 50 0.50 -17.37 -40.72
N ALA C 51 1.38 -18.39 -40.91
CA ALA C 51 1.28 -19.65 -40.15
C ALA C 51 1.48 -19.38 -38.64
N ALA C 52 2.39 -18.44 -38.26
CA ALA C 52 2.64 -18.07 -36.86
C ALA C 52 1.46 -17.40 -36.21
N LEU C 53 0.68 -16.56 -36.96
CA LEU C 53 -0.52 -15.91 -36.44
C LEU C 53 -1.58 -16.94 -36.10
N GLU C 54 -1.70 -18.00 -36.94
CA GLU C 54 -2.63 -19.10 -36.74
C GLU C 54 -2.20 -19.93 -35.51
N ALA C 55 -0.89 -20.23 -35.36
CA ALA C 55 -0.31 -20.96 -34.23
C ALA C 55 -0.50 -20.13 -32.93
N LEU C 56 -0.35 -18.81 -33.01
CA LEU C 56 -0.56 -17.88 -31.90
C LEU C 56 -2.03 -17.89 -31.43
N ALA C 57 -3.02 -17.99 -32.36
CA ALA C 57 -4.45 -18.06 -31.95
C ALA C 57 -4.71 -19.35 -31.17
N VAL C 58 -4.08 -20.46 -31.61
CA VAL C 58 -4.17 -21.76 -30.96
C VAL C 58 -3.58 -21.65 -29.55
N LEU C 59 -2.40 -21.00 -29.42
CA LEU C 59 -1.75 -20.79 -28.13
C LEU C 59 -2.60 -19.93 -27.21
N ASN C 60 -3.32 -18.91 -27.76
CA ASN C 60 -4.18 -18.03 -26.97
C ASN C 60 -5.32 -18.80 -26.38
N ARG C 61 -5.93 -19.72 -27.15
CA ARG C 61 -7.06 -20.55 -26.67
C ARG C 61 -6.59 -21.49 -25.56
N ARG C 62 -5.37 -22.05 -25.70
CA ARG C 62 -4.74 -22.91 -24.69
C ARG C 62 -4.45 -22.09 -23.43
N LEU C 63 -3.88 -20.88 -23.60
CA LEU C 63 -3.57 -19.97 -22.51
C LEU C 63 -4.82 -19.61 -21.68
N GLU C 64 -5.99 -19.39 -22.34
CA GLU C 64 -7.23 -19.04 -21.64
C GLU C 64 -7.58 -20.11 -20.64
N LYS C 65 -7.53 -21.39 -21.07
CA LYS C 65 -7.85 -22.51 -20.21
C LYS C 65 -6.83 -22.69 -19.08
N LEU C 66 -5.54 -22.57 -19.41
CA LEU C 66 -4.47 -22.68 -18.41
C LEU C 66 -4.49 -21.59 -17.36
N GLN C 67 -4.77 -20.33 -17.76
CA GLN C 67 -4.85 -19.21 -16.82
C GLN C 67 -6.06 -19.38 -15.88
N GLU C 68 -7.19 -19.83 -16.45
CA GLU C 68 -8.37 -20.06 -15.63
C GLU C 68 -8.10 -21.19 -14.59
N LEU C 69 -7.39 -22.24 -15.01
CA LEU C 69 -6.96 -23.33 -14.13
C LEU C 69 -6.03 -22.75 -13.03
N LEU C 70 -5.07 -21.88 -13.42
CA LEU C 70 -4.15 -21.24 -12.47
C LEU C 70 -4.94 -20.56 -11.36
N TYR C 71 -5.95 -19.74 -11.75
CA TYR C 71 -6.81 -19.04 -10.84
C TYR C 71 -7.67 -19.99 -9.99
N ALA C 72 -8.44 -20.89 -10.66
CA ALA C 72 -9.35 -21.82 -9.97
C ALA C 72 -8.61 -22.70 -8.96
N GLU C 73 -7.41 -23.23 -9.34
CA GLU C 73 -6.62 -24.04 -8.43
C GLU C 73 -6.09 -23.16 -7.25
N GLY C 74 -5.73 -21.92 -7.54
CA GLY C 74 -5.28 -20.92 -6.57
C GLY C 74 -4.04 -21.29 -5.74
N GLN C 75 -3.08 -22.02 -6.33
CA GLN C 75 -1.88 -22.43 -5.61
C GLN C 75 -0.58 -21.87 -6.17
N HIS C 76 -0.41 -21.87 -7.49
CA HIS C 76 0.81 -21.36 -8.11
C HIS C 76 0.79 -19.85 -8.27
N LYS C 77 1.98 -19.27 -8.35
CA LYS C 77 2.20 -17.84 -8.55
C LYS C 77 3.11 -17.78 -9.75
N VAL C 78 2.72 -17.04 -10.78
CA VAL C 78 3.51 -17.00 -12.02
C VAL C 78 4.00 -15.59 -12.30
N LEU C 79 5.33 -15.46 -12.39
CA LEU C 79 5.96 -14.17 -12.66
C LEU C 79 6.64 -14.19 -14.05
N VAL C 80 6.19 -13.30 -14.93
CA VAL C 80 6.79 -13.10 -16.24
C VAL C 80 7.51 -11.75 -16.23
N VAL C 81 8.82 -11.76 -16.48
CA VAL C 81 9.60 -10.51 -16.52
C VAL C 81 9.93 -10.18 -17.97
N LEU C 82 9.65 -8.92 -18.38
CA LEU C 82 9.97 -8.45 -19.74
C LEU C 82 11.02 -7.33 -19.67
N GLN C 83 12.13 -7.53 -20.38
CA GLN C 83 13.20 -6.53 -20.50
C GLN C 83 13.51 -6.41 -21.98
N ALA C 84 13.71 -5.19 -22.47
CA ALA C 84 14.09 -4.94 -23.85
C ALA C 84 14.51 -3.49 -23.97
N MET C 85 15.35 -3.21 -24.96
CA MET C 85 15.71 -1.84 -25.35
C MET C 85 14.38 -1.19 -25.83
N ASP C 86 14.26 0.14 -25.73
CA ASP C 86 13.04 0.84 -26.17
C ASP C 86 12.68 0.42 -27.61
N ALA C 87 11.37 0.18 -27.87
CA ALA C 87 10.77 -0.32 -29.10
C ALA C 87 11.04 -1.83 -29.31
N GLY C 88 11.64 -2.48 -28.32
CA GLY C 88 12.00 -3.90 -28.34
C GLY C 88 10.86 -4.91 -28.27
N GLY C 89 9.64 -4.45 -27.98
CA GLY C 89 8.47 -5.32 -27.96
C GLY C 89 7.80 -5.63 -26.64
N LYS C 90 8.15 -4.97 -25.52
CA LYS C 90 7.51 -5.25 -24.22
C LYS C 90 6.01 -4.98 -24.29
N ASP C 91 5.64 -3.83 -24.87
CA ASP C 91 4.26 -3.42 -25.02
C ASP C 91 3.44 -4.40 -25.88
N GLY C 92 4.02 -4.81 -27.02
CA GLY C 92 3.39 -5.76 -27.95
C GLY C 92 3.24 -7.13 -27.33
N THR C 93 4.23 -7.57 -26.53
CA THR C 93 4.21 -8.88 -25.85
C THR C 93 3.11 -8.92 -24.79
N ILE C 94 2.93 -7.80 -24.06
CA ILE C 94 1.90 -7.70 -23.02
C ILE C 94 0.53 -7.91 -23.67
N ARG C 95 0.33 -7.23 -24.81
CA ARG C 95 -0.93 -7.32 -25.53
C ARG C 95 -1.26 -8.77 -25.97
N VAL C 96 -0.26 -9.55 -26.45
CA VAL C 96 -0.52 -10.92 -26.93
C VAL C 96 -0.75 -11.89 -25.76
N VAL C 97 -0.13 -11.63 -24.58
CA VAL C 97 -0.40 -12.45 -23.38
C VAL C 97 -1.88 -12.17 -22.99
N PHE C 98 -2.26 -10.88 -22.95
CA PHE C 98 -3.62 -10.49 -22.57
C PHE C 98 -4.65 -11.00 -23.53
N ASP C 99 -4.29 -11.22 -24.82
CA ASP C 99 -5.21 -11.84 -25.78
C ASP C 99 -5.65 -13.26 -25.40
N GLY C 100 -4.87 -13.95 -24.55
CA GLY C 100 -5.19 -15.31 -24.14
C GLY C 100 -5.50 -15.50 -22.66
N VAL C 101 -5.92 -14.42 -21.94
CA VAL C 101 -6.20 -14.53 -20.50
C VAL C 101 -7.48 -13.78 -20.08
N ASN C 102 -7.89 -14.03 -18.86
CA ASN C 102 -8.96 -13.29 -18.25
C ASN C 102 -8.25 -12.12 -17.49
N PRO C 103 -8.54 -10.84 -17.85
CA PRO C 103 -7.88 -9.70 -17.15
C PRO C 103 -8.10 -9.65 -15.63
N SER C 104 -9.11 -10.37 -15.11
CA SER C 104 -9.36 -10.43 -13.68
C SER C 104 -8.28 -11.25 -12.92
N GLY C 105 -7.47 -12.03 -13.63
CA GLY C 105 -6.44 -12.86 -12.99
C GLY C 105 -5.02 -12.56 -13.40
N VAL C 106 -4.85 -11.54 -14.23
CA VAL C 106 -3.56 -11.16 -14.78
C VAL C 106 -3.38 -9.67 -14.66
N ARG C 107 -2.20 -9.25 -14.23
CA ARG C 107 -1.94 -7.82 -14.15
C ARG C 107 -0.51 -7.47 -14.56
N VAL C 108 -0.34 -6.22 -14.96
CA VAL C 108 0.93 -5.66 -15.38
C VAL C 108 1.41 -4.78 -14.24
N ALA C 109 2.63 -5.01 -13.78
CA ALA C 109 3.33 -4.14 -12.83
C ALA C 109 4.48 -3.54 -13.64
N SER C 110 4.39 -2.25 -13.95
CA SER C 110 5.46 -1.61 -14.72
C SER C 110 6.37 -0.82 -13.81
N PHE C 111 7.65 -0.78 -14.17
CA PHE C 111 8.65 -0.08 -13.35
C PHE C 111 9.29 1.03 -14.17
N GLY C 112 9.07 2.26 -13.71
CA GLY C 112 9.57 3.46 -14.35
C GLY C 112 10.66 4.09 -13.50
N VAL C 113 10.89 5.39 -13.72
CA VAL C 113 11.90 6.15 -12.99
C VAL C 113 11.55 6.11 -11.49
N PRO C 114 12.42 5.61 -10.61
CA PRO C 114 12.05 5.52 -9.19
C PRO C 114 11.71 6.88 -8.59
N THR C 115 10.73 6.91 -7.70
CA THR C 115 10.32 8.12 -7.01
C THR C 115 11.25 8.27 -5.80
N GLU C 116 11.16 9.41 -5.12
CA GLU C 116 11.93 9.68 -3.91
C GLU C 116 11.62 8.59 -2.83
N GLN C 117 10.33 8.21 -2.66
CA GLN C 117 9.94 7.17 -1.67
C GLN C 117 10.54 5.82 -2.01
N GLU C 118 10.61 5.49 -3.31
CA GLU C 118 11.18 4.22 -3.79
C GLU C 118 12.69 4.20 -3.60
N LEU C 119 13.37 5.34 -3.90
CA LEU C 119 14.81 5.44 -3.71
C LEU C 119 15.20 5.51 -2.23
N ALA C 120 14.23 5.85 -1.36
CA ALA C 120 14.46 5.95 0.11
C ALA C 120 14.51 4.58 0.77
N ARG C 121 14.20 3.53 0.02
CA ARG C 121 14.27 2.14 0.47
C ARG C 121 15.18 1.41 -0.52
N ASP C 122 15.57 0.17 -0.19
CA ASP C 122 16.36 -0.68 -1.07
C ASP C 122 15.62 -0.83 -2.39
N TYR C 123 16.37 -0.92 -3.49
CA TYR C 123 15.80 -1.05 -4.84
C TYR C 123 14.81 -2.24 -5.01
N LEU C 124 14.96 -3.32 -4.17
CA LEU C 124 14.02 -4.46 -4.28
C LEU C 124 12.65 -4.18 -3.65
N TRP C 125 12.54 -3.18 -2.79
CA TRP C 125 11.30 -2.84 -2.07
C TRP C 125 10.11 -2.65 -3.00
N ARG C 126 10.23 -1.74 -3.97
CA ARG C 126 9.12 -1.45 -4.89
C ARG C 126 8.76 -2.67 -5.77
N VAL C 127 9.74 -3.51 -6.02
CA VAL C 127 9.59 -4.68 -6.88
C VAL C 127 8.90 -5.81 -6.12
N HIS C 128 9.42 -6.14 -4.93
CA HIS C 128 8.87 -7.19 -4.07
C HIS C 128 7.36 -6.94 -3.80
N GLN C 129 6.97 -5.68 -3.61
CA GLN C 129 5.58 -5.24 -3.39
CA GLN C 129 5.57 -5.31 -3.37
C GLN C 129 4.61 -5.86 -4.43
N GLN C 130 5.05 -5.91 -5.68
CA GLN C 130 4.26 -6.33 -6.85
C GLN C 130 4.28 -7.80 -7.27
N VAL C 131 4.97 -8.67 -6.52
CA VAL C 131 5.06 -10.10 -6.87
C VAL C 131 3.68 -10.77 -6.98
N PRO C 132 3.48 -11.73 -7.90
CA PRO C 132 2.16 -12.39 -7.98
C PRO C 132 1.78 -13.15 -6.71
N ARG C 133 0.49 -13.17 -6.40
CA ARG C 133 0.00 -13.97 -5.28
C ARG C 133 -0.46 -15.32 -5.83
N LYS C 134 -0.87 -16.24 -4.96
CA LYS C 134 -1.36 -17.54 -5.37
C LYS C 134 -2.56 -17.37 -6.32
N GLY C 135 -2.56 -18.10 -7.42
CA GLY C 135 -3.58 -18.09 -8.47
C GLY C 135 -3.45 -16.93 -9.45
N GLU C 136 -2.36 -16.17 -9.36
CA GLU C 136 -2.17 -14.98 -10.18
C GLU C 136 -0.95 -15.08 -11.10
N LEU C 137 -1.08 -14.44 -12.27
CA LEU C 137 0.00 -14.29 -13.24
C LEU C 137 0.29 -12.77 -13.28
N VAL C 138 1.53 -12.40 -13.03
CA VAL C 138 1.93 -10.99 -13.09
C VAL C 138 3.02 -10.84 -14.13
N ILE C 139 2.89 -9.79 -14.95
CA ILE C 139 3.90 -9.42 -15.91
C ILE C 139 4.61 -8.20 -15.35
N PHE C 140 5.93 -8.28 -15.24
CA PHE C 140 6.73 -7.13 -14.87
C PHE C 140 7.18 -6.47 -16.18
N ASN C 141 6.69 -5.25 -16.46
CA ASN C 141 7.15 -4.50 -17.62
C ASN C 141 8.34 -3.69 -17.06
N ARG C 142 9.59 -4.19 -17.34
CA ARG C 142 10.82 -3.73 -16.67
C ARG C 142 10.75 -4.33 -15.25
N SER C 143 11.79 -4.21 -14.46
CA SER C 143 11.81 -4.94 -13.19
C SER C 143 12.98 -4.49 -12.40
N HIS C 144 13.35 -5.28 -11.37
CA HIS C 144 14.53 -5.14 -10.54
C HIS C 144 15.80 -5.16 -11.38
N TYR C 145 15.76 -5.75 -12.62
CA TYR C 145 16.92 -5.79 -13.50
C TYR C 145 17.38 -4.40 -13.93
N GLU C 146 16.48 -3.42 -13.93
CA GLU C 146 16.87 -2.04 -14.29
C GLU C 146 17.95 -1.50 -13.33
N ASP C 147 17.99 -2.06 -12.11
CA ASP C 147 18.93 -1.69 -11.07
C ASP C 147 20.35 -2.23 -11.32
N VAL C 148 20.52 -3.00 -12.43
CA VAL C 148 21.83 -3.46 -12.96
C VAL C 148 21.93 -3.13 -14.48
N LEU C 149 20.99 -2.35 -15.02
CA LEU C 149 20.98 -1.98 -16.43
C LEU C 149 21.18 -0.48 -16.57
N VAL C 150 20.09 0.33 -16.62
CA VAL C 150 20.21 1.80 -16.67
C VAL C 150 21.06 2.31 -15.49
N VAL C 151 20.94 1.71 -14.30
CA VAL C 151 21.70 2.11 -13.11
C VAL C 151 23.20 1.96 -13.33
N ARG C 152 23.59 0.86 -13.98
CA ARG C 152 24.95 0.53 -14.33
C ARG C 152 25.44 1.45 -15.50
N VAL C 153 24.66 1.53 -16.58
CA VAL C 153 25.04 2.29 -17.77
C VAL C 153 25.17 3.79 -17.46
N LYS C 154 24.24 4.35 -16.70
CA LYS C 154 24.27 5.78 -16.40
C LYS C 154 25.02 6.10 -15.09
N ASN C 155 25.61 5.07 -14.44
CA ASN C 155 26.38 5.20 -13.21
C ASN C 155 25.54 5.92 -12.12
N LEU C 156 24.28 5.49 -11.94
CA LEU C 156 23.38 6.11 -10.98
C LEU C 156 23.77 5.79 -9.52
N VAL C 157 24.54 4.71 -9.36
CA VAL C 157 25.18 4.32 -8.10
C VAL C 157 26.60 3.88 -8.50
N PRO C 158 27.61 3.91 -7.61
CA PRO C 158 28.95 3.44 -8.03
C PRO C 158 28.93 1.92 -8.33
N GLN C 159 29.89 1.44 -9.13
CA GLN C 159 30.03 0.03 -9.48
C GLN C 159 30.13 -0.86 -8.24
N GLN C 160 30.84 -0.38 -7.19
CA GLN C 160 31.01 -1.06 -5.91
C GLN C 160 29.64 -1.48 -5.36
N VAL C 161 28.63 -0.62 -5.55
CA VAL C 161 27.25 -0.87 -5.13
C VAL C 161 26.50 -1.83 -6.09
N TRP C 162 26.37 -1.48 -7.40
CA TRP C 162 25.56 -2.28 -8.32
C TRP C 162 26.14 -3.67 -8.60
N GLN C 163 27.46 -3.89 -8.47
CA GLN C 163 28.07 -5.23 -8.72
C GLN C 163 27.56 -6.26 -7.71
N LYS C 164 27.26 -5.81 -6.48
CA LYS C 164 26.73 -6.67 -5.40
C LYS C 164 25.30 -7.13 -5.67
N ARG C 165 24.59 -6.44 -6.56
CA ARG C 165 23.16 -6.68 -6.83
C ARG C 165 22.87 -7.95 -7.61
N TYR C 166 23.85 -8.50 -8.36
CA TYR C 166 23.66 -9.76 -9.08
C TYR C 166 23.35 -10.88 -8.07
N ARG C 167 24.12 -10.93 -6.96
CA ARG C 167 23.88 -11.91 -5.89
C ARG C 167 22.52 -11.62 -5.21
N HIS C 168 22.22 -10.33 -4.91
CA HIS C 168 20.93 -9.98 -4.29
C HIS C 168 19.77 -10.54 -5.13
N ILE C 169 19.84 -10.34 -6.44
CA ILE C 169 18.82 -10.78 -7.38
C ILE C 169 18.71 -12.32 -7.43
N ARG C 170 19.85 -13.04 -7.57
CA ARG C 170 19.81 -14.51 -7.57
C ARG C 170 19.12 -15.02 -6.30
N GLU C 171 19.44 -14.41 -5.15
CA GLU C 171 18.93 -14.82 -3.83
C GLU C 171 17.49 -14.42 -3.58
N PHE C 172 17.07 -13.27 -4.11
CA PHE C 172 15.67 -12.83 -4.02
C PHE C 172 14.82 -13.81 -4.85
N GLU C 173 15.28 -14.09 -6.09
CA GLU C 173 14.58 -15.01 -7.00
C GLU C 173 14.58 -16.45 -6.48
N ARG C 174 15.66 -16.88 -5.77
CA ARG C 174 15.73 -18.21 -5.16
C ARG C 174 14.62 -18.34 -4.10
N MET C 175 14.51 -17.31 -3.24
CA MET C 175 13.51 -17.26 -2.19
C MET C 175 12.10 -17.31 -2.83
N LEU C 176 11.86 -16.52 -3.89
CA LEU C 176 10.58 -16.49 -4.57
C LEU C 176 10.20 -17.85 -5.10
N ALA C 177 11.15 -18.51 -5.79
CA ALA C 177 10.97 -19.84 -6.40
C ALA C 177 10.74 -20.90 -5.33
N ASP C 178 11.55 -20.88 -4.24
CA ASP C 178 11.43 -21.82 -3.11
C ASP C 178 10.06 -21.71 -2.47
N GLU C 179 9.54 -20.49 -2.41
CA GLU C 179 8.25 -20.22 -1.77
C GLU C 179 7.05 -20.36 -2.74
N GLY C 180 7.28 -20.88 -3.95
CA GLY C 180 6.17 -21.25 -4.85
C GLY C 180 5.94 -20.47 -6.12
N THR C 181 6.85 -19.55 -6.47
CA THR C 181 6.72 -18.75 -7.69
C THR C 181 7.43 -19.40 -8.88
N THR C 182 6.71 -19.53 -9.99
CA THR C 182 7.28 -19.98 -11.26
C THR C 182 7.76 -18.67 -11.94
N ILE C 183 9.06 -18.59 -12.24
CA ILE C 183 9.65 -17.38 -12.83
C ILE C 183 10.08 -17.60 -14.28
N LEU C 184 9.65 -16.69 -15.18
CA LEU C 184 10.06 -16.68 -16.59
C LEU C 184 10.59 -15.30 -16.87
N LYS C 185 11.84 -15.20 -17.32
CA LYS C 185 12.41 -13.89 -17.66
C LYS C 185 12.74 -13.89 -19.15
N PHE C 186 12.20 -12.91 -19.87
CA PHE C 186 12.39 -12.77 -21.30
C PHE C 186 13.12 -11.50 -21.64
N PHE C 187 14.21 -11.65 -22.38
CA PHE C 187 14.95 -10.52 -22.92
C PHE C 187 14.57 -10.50 -24.40
N LEU C 188 13.80 -9.47 -24.79
CA LEU C 188 13.34 -9.33 -26.17
C LEU C 188 14.45 -8.61 -26.90
N HIS C 189 15.24 -9.36 -27.68
CA HIS C 189 16.48 -8.93 -28.32
C HIS C 189 16.28 -8.42 -29.77
N ILE C 190 16.36 -7.08 -29.96
CA ILE C 190 16.29 -6.38 -31.24
C ILE C 190 17.67 -5.78 -31.55
N SER C 191 17.97 -5.52 -32.84
CA SER C 191 19.22 -4.89 -33.28
C SER C 191 19.10 -3.36 -33.20
N LYS C 192 20.24 -2.65 -33.27
CA LYS C 192 20.30 -1.18 -33.21
C LYS C 192 19.54 -0.55 -34.37
N ASP C 193 19.69 -1.15 -35.56
CA ASP C 193 19.05 -0.66 -36.76
C ASP C 193 17.57 -0.86 -36.73
N GLU C 194 17.11 -1.99 -36.18
CA GLU C 194 15.70 -2.27 -35.99
C GLU C 194 15.09 -1.19 -35.07
N GLN C 195 15.77 -0.90 -33.94
CA GLN C 195 15.34 0.13 -33.00
C GLN C 195 15.21 1.47 -33.71
N ARG C 196 16.25 1.85 -34.51
CA ARG C 196 16.29 3.07 -35.33
C ARG C 196 15.02 3.20 -36.17
N GLN C 197 14.65 2.15 -36.94
CA GLN C 197 13.46 2.13 -37.81
C GLN C 197 12.17 2.30 -37.00
N ARG C 198 12.05 1.56 -35.88
CA ARG C 198 10.86 1.61 -35.04
C ARG C 198 10.71 2.98 -34.36
N LEU C 199 11.81 3.59 -33.93
CA LEU C 199 11.79 4.91 -33.30
C LEU C 199 11.45 6.01 -34.30
N GLN C 200 11.93 5.86 -35.55
CA GLN C 200 11.63 6.79 -36.65
C GLN C 200 10.12 6.73 -36.96
N GLU C 201 9.52 5.53 -36.94
CA GLU C 201 8.08 5.31 -37.19
C GLU C 201 7.23 6.04 -36.11
N ARG C 202 7.70 6.01 -34.83
CA ARG C 202 7.03 6.69 -33.70
C ARG C 202 7.01 8.19 -33.95
N LEU C 203 8.19 8.76 -34.30
CA LEU C 203 8.35 10.19 -34.58
C LEU C 203 7.46 10.66 -35.71
N ASP C 204 7.34 9.82 -36.74
CA ASP C 204 6.56 10.15 -37.93
C ASP C 204 5.07 10.01 -37.73
N ASN C 205 4.64 9.34 -36.66
CA ASN C 205 3.22 9.13 -36.38
C ASN C 205 2.76 10.17 -35.34
N PRO C 206 1.76 11.05 -35.69
CA PRO C 206 1.29 12.04 -34.69
C PRO C 206 0.64 11.45 -33.43
N GLU C 207 0.17 10.19 -33.50
CA GLU C 207 -0.46 9.47 -32.39
C GLU C 207 0.54 8.72 -31.52
N LYS C 208 1.85 8.73 -31.89
CA LYS C 208 2.91 8.02 -31.16
C LYS C 208 4.09 8.90 -30.75
N ARG C 209 4.22 10.11 -31.36
CA ARG C 209 5.36 11.00 -31.14
C ARG C 209 5.49 11.47 -29.70
N TRP C 210 4.39 11.45 -28.91
CA TRP C 210 4.42 11.77 -27.49
C TRP C 210 5.37 10.82 -26.70
N LYS C 211 5.74 9.65 -27.30
CA LYS C 211 6.66 8.68 -26.67
C LYS C 211 8.12 9.16 -26.73
N PHE C 212 8.40 10.27 -27.44
CA PHE C 212 9.76 10.80 -27.54
CA PHE C 212 9.76 10.79 -27.50
C PHE C 212 10.03 11.78 -26.41
N ARG C 213 11.25 11.71 -25.87
CA ARG C 213 11.71 12.57 -24.77
C ARG C 213 13.05 13.19 -25.11
N MET C 214 13.42 14.24 -24.34
CA MET C 214 14.71 14.93 -24.45
C MET C 214 15.77 13.97 -23.88
N GLY C 215 16.72 13.57 -24.73
CA GLY C 215 17.77 12.64 -24.35
C GLY C 215 17.74 11.28 -25.00
N ASP C 216 16.60 10.91 -25.63
CA ASP C 216 16.41 9.65 -26.34
C ASP C 216 17.46 9.46 -27.44
N LEU C 217 17.79 10.55 -28.16
CA LEU C 217 18.78 10.57 -29.24
C LEU C 217 20.18 10.30 -28.75
N GLU C 218 20.60 10.97 -27.65
CA GLU C 218 21.93 10.79 -27.08
C GLU C 218 22.06 9.44 -26.35
N ASP C 219 20.92 8.84 -25.97
CA ASP C 219 20.86 7.52 -25.33
C ASP C 219 21.25 6.39 -26.28
N ARG C 220 21.01 6.59 -27.60
CA ARG C 220 21.34 5.65 -28.68
C ARG C 220 22.84 5.37 -28.70
N ARG C 221 23.65 6.39 -28.33
CA ARG C 221 25.11 6.31 -28.22
C ARG C 221 25.52 5.29 -27.16
N LEU C 222 24.66 5.01 -26.18
CA LEU C 222 24.93 4.06 -25.12
C LEU C 222 24.50 2.61 -25.46
N TRP C 223 24.07 2.37 -26.74
CA TRP C 223 23.60 1.07 -27.22
C TRP C 223 24.49 -0.10 -26.78
N ASP C 224 25.80 -0.02 -27.11
CA ASP C 224 26.78 -1.04 -26.78
C ASP C 224 26.95 -1.26 -25.27
N ARG C 225 26.86 -0.17 -24.46
CA ARG C 225 26.97 -0.26 -23.00
C ARG C 225 25.76 -1.03 -22.45
N TYR C 226 24.58 -0.83 -23.05
CA TYR C 226 23.37 -1.56 -22.65
C TYR C 226 23.46 -3.02 -23.00
N GLN C 227 24.03 -3.34 -24.18
CA GLN C 227 24.19 -4.74 -24.63
C GLN C 227 25.11 -5.49 -23.67
N GLU C 228 26.20 -4.84 -23.22
CA GLU C 228 27.15 -5.38 -22.24
C GLU C 228 26.45 -5.56 -20.90
N ALA C 229 25.62 -4.57 -20.47
CA ALA C 229 24.88 -4.65 -19.21
C ALA C 229 23.89 -5.79 -19.23
N TYR C 230 23.19 -6.00 -20.37
CA TYR C 230 22.25 -7.10 -20.54
C TYR C 230 22.98 -8.46 -20.50
N GLU C 231 24.12 -8.57 -21.19
CA GLU C 231 24.89 -9.81 -21.22
C GLU C 231 25.37 -10.19 -19.79
N ALA C 232 25.90 -9.21 -19.02
CA ALA C 232 26.31 -9.38 -17.63
C ALA C 232 25.13 -9.74 -16.74
N ALA C 233 23.99 -9.03 -16.86
CA ALA C 233 22.81 -9.35 -16.05
C ALA C 233 22.33 -10.80 -16.28
N ILE C 234 22.15 -11.21 -17.55
CA ILE C 234 21.70 -12.54 -17.97
C ILE C 234 22.67 -13.63 -17.51
N ARG C 235 23.97 -13.51 -17.83
CA ARG C 235 25.01 -14.45 -17.42
C ARG C 235 25.01 -14.67 -15.87
N GLU C 236 24.93 -13.57 -15.10
CA GLU C 236 24.94 -13.59 -13.65
C GLU C 236 23.68 -14.17 -13.02
N THR C 237 22.51 -13.99 -13.66
CA THR C 237 21.24 -14.33 -13.01
C THR C 237 20.40 -15.41 -13.67
N SER C 238 20.84 -15.97 -14.82
CA SER C 238 20.07 -17.06 -15.42
C SER C 238 20.38 -18.32 -14.59
N THR C 239 19.38 -18.78 -13.84
CA THR C 239 19.55 -19.95 -12.96
C THR C 239 18.52 -21.02 -13.32
N GLU C 240 18.61 -22.19 -12.69
CA GLU C 240 17.68 -23.30 -12.89
C GLU C 240 16.27 -22.90 -12.44
N TYR C 241 16.17 -22.20 -11.29
CA TYR C 241 14.89 -21.78 -10.72
C TYR C 241 14.38 -20.48 -11.33
N ALA C 242 15.24 -19.71 -12.02
CA ALA C 242 14.80 -18.44 -12.61
C ALA C 242 15.55 -18.25 -13.93
N PRO C 243 15.13 -18.96 -15.00
CA PRO C 243 15.89 -18.86 -16.26
C PRO C 243 15.59 -17.60 -17.05
N TRP C 244 16.59 -17.18 -17.83
CA TRP C 244 16.43 -16.12 -18.81
C TRP C 244 16.21 -16.82 -20.14
N TYR C 245 15.35 -16.26 -20.98
CA TYR C 245 15.12 -16.70 -22.35
C TYR C 245 15.46 -15.49 -23.23
N VAL C 246 16.34 -15.70 -24.21
CA VAL C 246 16.70 -14.64 -25.15
C VAL C 246 15.79 -14.86 -26.34
N ILE C 247 14.93 -13.86 -26.61
CA ILE C 247 13.93 -13.92 -27.68
C ILE C 247 14.36 -13.08 -28.88
N PRO C 248 14.70 -13.71 -30.05
CA PRO C 248 15.01 -12.91 -31.25
C PRO C 248 13.74 -12.13 -31.56
N ALA C 249 13.82 -10.80 -31.52
CA ALA C 249 12.61 -10.00 -31.58
C ALA C 249 12.51 -8.97 -32.71
N ASN C 250 13.38 -9.03 -33.75
CA ASN C 250 13.27 -8.12 -34.90
C ASN C 250 11.97 -8.32 -35.67
N LYS C 251 11.40 -9.54 -35.61
CA LYS C 251 10.12 -9.89 -36.21
C LYS C 251 9.11 -10.00 -35.07
N ASN C 252 8.13 -9.08 -35.03
CA ASN C 252 7.08 -9.04 -34.00
C ASN C 252 6.33 -10.37 -33.92
N TRP C 253 6.02 -10.98 -35.10
CA TRP C 253 5.31 -12.26 -35.18
C TRP C 253 6.04 -13.39 -34.47
N TYR C 254 7.37 -13.44 -34.62
CA TYR C 254 8.18 -14.50 -34.04
C TYR C 254 8.30 -14.33 -32.52
N ARG C 255 8.54 -13.08 -32.08
CA ARG C 255 8.64 -12.72 -30.68
C ARG C 255 7.31 -13.13 -29.98
N ASN C 256 6.15 -12.73 -30.55
CA ASN C 256 4.84 -13.04 -29.99
C ASN C 256 4.57 -14.52 -29.89
N TRP C 257 4.86 -15.25 -30.96
CA TRP C 257 4.68 -16.70 -30.98
C TRP C 257 5.56 -17.43 -29.95
N LEU C 258 6.87 -17.12 -29.95
CA LEU C 258 7.85 -17.77 -29.08
C LEU C 258 7.60 -17.53 -27.61
N VAL C 259 7.32 -16.28 -27.23
CA VAL C 259 7.02 -15.95 -25.82
C VAL C 259 5.75 -16.72 -25.38
N SER C 260 4.69 -16.68 -26.23
CA SER C 260 3.43 -17.38 -25.97
C SER C 260 3.64 -18.89 -25.83
N HIS C 261 4.45 -19.47 -26.70
CA HIS C 261 4.80 -20.90 -26.69
C HIS C 261 5.47 -21.29 -25.36
N ILE C 262 6.51 -20.52 -24.94
CA ILE C 262 7.25 -20.79 -23.70
C ILE C 262 6.33 -20.67 -22.50
N LEU C 263 5.49 -19.60 -22.46
CA LEU C 263 4.58 -19.40 -21.36
C LEU C 263 3.55 -20.54 -21.24
N VAL C 264 2.93 -20.93 -22.35
CA VAL C 264 1.95 -22.01 -22.38
C VAL C 264 2.58 -23.35 -21.93
N GLU C 265 3.76 -23.68 -22.47
CA GLU C 265 4.46 -24.92 -22.13
C GLU C 265 4.85 -24.96 -20.65
N THR C 266 5.27 -23.82 -20.10
CA THR C 266 5.60 -23.67 -18.68
C THR C 266 4.34 -23.93 -17.84
N LEU C 267 3.20 -23.31 -18.20
CA LEU C 267 1.94 -23.51 -17.47
C LEU C 267 1.46 -24.95 -17.54
N GLU C 268 1.63 -25.62 -18.70
CA GLU C 268 1.26 -27.03 -18.88
C GLU C 268 2.06 -27.90 -17.91
N GLY C 269 3.35 -27.57 -17.73
CA GLY C 269 4.28 -28.29 -16.88
C GLY C 269 3.92 -28.25 -15.40
N LEU C 270 3.08 -27.30 -15.00
CA LEU C 270 2.64 -27.20 -13.60
C LEU C 270 1.59 -28.28 -13.24
N ALA C 271 1.01 -28.96 -14.26
CA ALA C 271 0.03 -30.05 -14.14
C ALA C 271 -1.11 -29.62 -13.17
N MET C 272 -1.69 -28.45 -13.43
CA MET C 272 -2.72 -27.84 -12.59
C MET C 272 -4.04 -28.60 -12.66
N GLN C 273 -4.75 -28.65 -11.53
CA GLN C 273 -6.00 -29.40 -11.44
C GLN C 273 -7.11 -28.48 -10.95
N TYR C 274 -8.33 -28.63 -11.51
CA TYR C 274 -9.49 -27.87 -11.02
C TYR C 274 -9.75 -28.31 -9.58
N PRO C 275 -10.15 -27.42 -8.65
CA PRO C 275 -10.46 -27.89 -7.28
C PRO C 275 -11.60 -28.91 -7.30
N GLN C 276 -11.56 -29.90 -6.40
CA GLN C 276 -12.62 -30.94 -6.33
C GLN C 276 -13.97 -30.39 -5.84
N PRO C 277 -15.10 -30.73 -6.51
CA PRO C 277 -16.41 -30.24 -6.03
C PRO C 277 -16.88 -30.97 -4.78
N ILE C 284 -26.98 -31.57 -8.67
CA ILE C 284 -27.67 -30.35 -8.24
C ILE C 284 -28.45 -29.72 -9.41
N VAL C 285 -29.75 -29.44 -9.20
CA VAL C 285 -30.62 -28.80 -10.18
C VAL C 285 -31.12 -27.47 -9.56
N ILE C 286 -30.62 -26.33 -10.09
CA ILE C 286 -30.94 -24.98 -9.60
C ILE C 286 -32.41 -24.63 -9.88
N GLU C 287 -33.11 -24.16 -8.83
CA GLU C 287 -34.51 -23.77 -8.83
C GLU C 287 -34.66 -22.25 -9.03
N MET D 21 28.85 -4.92 25.40
CA MET D 21 28.55 -4.65 23.99
C MET D 21 29.09 -5.74 23.05
N LYS D 22 30.24 -6.32 23.41
CA LYS D 22 30.90 -7.39 22.67
C LYS D 22 30.49 -8.76 23.20
N LYS D 23 30.30 -8.92 24.53
CA LYS D 23 29.94 -10.23 25.08
C LYS D 23 28.55 -10.70 24.70
N TYR D 24 27.67 -9.75 24.34
CA TYR D 24 26.30 -10.09 23.98
C TYR D 24 26.09 -10.23 22.47
N ARG D 25 27.08 -9.78 21.65
CA ARG D 25 27.03 -9.90 20.20
C ARG D 25 27.38 -11.34 19.82
N VAL D 26 26.50 -12.03 19.08
CA VAL D 26 26.74 -13.40 18.65
C VAL D 26 27.65 -13.36 17.41
N GLN D 27 28.88 -13.91 17.57
CA GLN D 27 29.88 -13.95 16.52
C GLN D 27 29.43 -14.75 15.31
N PRO D 28 29.76 -14.30 14.07
CA PRO D 28 29.28 -15.04 12.88
C PRO D 28 30.10 -16.28 12.56
N ASP D 29 30.32 -17.16 13.55
CA ASP D 29 31.11 -18.39 13.41
C ASP D 29 30.28 -19.69 13.39
N GLY D 30 28.96 -19.54 13.50
CA GLY D 30 27.99 -20.64 13.54
C GLY D 30 28.20 -21.62 14.67
N ARG D 31 28.76 -21.13 15.81
CA ARG D 31 29.08 -21.94 17.01
C ARG D 31 28.28 -21.48 18.24
N PHE D 32 27.24 -20.66 18.01
CA PHE D 32 26.39 -20.12 19.09
C PHE D 32 25.71 -21.20 19.90
N GLU D 33 25.75 -21.05 21.22
CA GLU D 33 25.10 -21.94 22.16
C GLU D 33 24.33 -21.08 23.13
N LEU D 34 23.00 -21.19 23.12
CA LEU D 34 22.11 -20.43 23.99
C LEU D 34 22.33 -20.72 25.50
N LYS D 35 22.77 -21.95 25.86
CA LYS D 35 23.06 -22.34 27.25
C LYS D 35 24.13 -21.47 27.91
N ARG D 36 24.95 -20.79 27.10
CA ARG D 36 26.06 -19.92 27.53
C ARG D 36 25.57 -18.55 27.99
N PHE D 37 24.29 -18.26 27.76
CA PHE D 37 23.68 -16.98 28.15
C PHE D 37 22.69 -17.18 29.27
N ASP D 38 22.97 -16.54 30.41
CA ASP D 38 22.13 -16.64 31.59
C ASP D 38 21.12 -15.47 31.60
N PRO D 39 19.80 -15.76 31.55
CA PRO D 39 18.79 -14.69 31.62
C PRO D 39 18.90 -13.76 32.84
N ASP D 40 19.57 -14.22 33.92
CA ASP D 40 19.77 -13.47 35.18
C ASP D 40 21.08 -12.66 35.22
N ASP D 41 21.89 -12.77 34.17
CA ASP D 41 23.17 -12.09 34.09
C ASP D 41 23.00 -10.58 34.02
N THR D 42 23.67 -9.81 34.92
CA THR D 42 23.63 -8.33 34.90
C THR D 42 25.05 -7.76 34.92
N SER D 43 26.06 -8.58 34.51
CA SER D 43 27.49 -8.29 34.61
C SER D 43 28.02 -7.08 33.81
N ALA D 44 27.33 -6.62 32.76
CA ALA D 44 27.79 -5.46 32.00
C ALA D 44 27.51 -4.14 32.72
N PHE D 45 26.65 -4.15 33.76
CA PHE D 45 26.33 -2.95 34.52
C PHE D 45 26.80 -3.04 35.96
N GLU D 46 27.64 -2.07 36.37
CA GLU D 46 28.13 -1.95 37.74
C GLU D 46 27.07 -1.11 38.48
N GLY D 47 26.39 -1.75 39.41
CA GLY D 47 25.30 -1.13 40.17
C GLY D 47 24.02 -1.88 39.86
N GLY D 48 22.95 -1.49 40.52
CA GLY D 48 21.68 -2.13 40.34
C GLY D 48 20.65 -1.27 39.65
N LYS D 49 19.37 -1.55 39.96
CA LYS D 49 18.19 -0.93 39.39
C LYS D 49 18.24 0.60 39.40
N GLN D 50 18.47 1.21 40.56
CA GLN D 50 18.47 2.67 40.69
C GLN D 50 19.54 3.37 39.83
N ALA D 51 20.82 2.91 39.89
CA ALA D 51 21.88 3.48 39.07
C ALA D 51 21.56 3.28 37.58
N ALA D 52 20.97 2.11 37.19
CA ALA D 52 20.60 1.80 35.80
C ALA D 52 19.51 2.70 35.27
N LEU D 53 18.53 3.10 36.13
CA LEU D 53 17.44 3.99 35.73
C LEU D 53 18.00 5.37 35.40
N GLU D 54 19.01 5.81 36.17
CA GLU D 54 19.69 7.09 35.97
C GLU D 54 20.51 7.05 34.66
N ALA D 55 21.26 5.93 34.43
CA ALA D 55 22.05 5.71 33.22
C ALA D 55 21.12 5.65 31.98
N LEU D 56 19.94 5.03 32.13
CA LEU D 56 18.92 4.94 31.08
C LEU D 56 18.39 6.35 30.71
N ALA D 57 18.17 7.24 31.70
CA ALA D 57 17.72 8.60 31.42
C ALA D 57 18.77 9.35 30.57
N VAL D 58 20.08 9.12 30.87
CA VAL D 58 21.23 9.72 30.17
C VAL D 58 21.23 9.18 28.73
N LEU D 59 21.05 7.85 28.56
CA LEU D 59 20.95 7.21 27.23
C LEU D 59 19.75 7.73 26.44
N ASN D 60 18.60 8.03 27.10
CA ASN D 60 17.40 8.58 26.45
C ASN D 60 17.67 9.97 25.90
N ARG D 61 18.38 10.82 26.67
CA ARG D 61 18.74 12.16 26.22
C ARG D 61 19.69 12.09 25.01
N ARG D 62 20.64 11.13 25.03
CA ARG D 62 21.58 10.90 23.92
C ARG D 62 20.82 10.39 22.70
N LEU D 63 19.89 9.44 22.90
CA LEU D 63 19.07 8.88 21.83
C LEU D 63 18.22 9.94 21.11
N GLU D 64 17.68 10.93 21.86
CA GLU D 64 16.86 12.00 21.26
C GLU D 64 17.69 12.77 20.25
N LYS D 65 18.92 13.14 20.63
CA LYS D 65 19.81 13.88 19.73
C LYS D 65 20.23 13.04 18.52
N LEU D 66 20.58 11.76 18.74
CA LEU D 66 20.97 10.84 17.66
C LEU D 66 19.85 10.55 16.67
N GLN D 67 18.59 10.36 17.16
CA GLN D 67 17.44 10.10 16.30
C GLN D 67 17.13 11.34 15.45
N GLU D 68 17.22 12.53 16.07
CA GLU D 68 16.99 13.77 15.34
C GLU D 68 18.04 13.94 14.22
N LEU D 69 19.31 13.60 14.52
CA LEU D 69 20.41 13.61 13.56
C LEU D 69 20.11 12.61 12.43
N LEU D 70 19.64 11.40 12.79
CA LEU D 70 19.27 10.36 11.82
C LEU D 70 18.28 10.92 10.80
N TYR D 71 17.21 11.57 11.31
CA TYR D 71 16.19 12.18 10.49
C TYR D 71 16.73 13.36 9.67
N ALA D 72 17.38 14.34 10.33
CA ALA D 72 17.88 15.54 9.66
C ALA D 72 18.87 15.23 8.55
N GLU D 73 19.83 14.29 8.83
CA GLU D 73 20.78 13.87 7.81
C GLU D 73 20.05 13.12 6.66
N GLY D 74 19.02 12.35 6.99
CA GLY D 74 18.16 11.63 6.04
C GLY D 74 18.86 10.65 5.10
N GLN D 75 19.91 9.96 5.59
CA GLN D 75 20.65 9.02 4.74
C GLN D 75 20.62 7.58 5.24
N HIS D 76 20.76 7.36 6.54
CA HIS D 76 20.76 6.01 7.11
C HIS D 76 19.35 5.51 7.36
N LYS D 77 19.21 4.19 7.37
CA LYS D 77 17.96 3.47 7.63
C LYS D 77 18.31 2.55 8.75
N VAL D 78 17.55 2.58 9.84
CA VAL D 78 17.87 1.77 11.00
C VAL D 78 16.74 0.81 11.31
N LEU D 79 17.09 -0.48 11.32
CA LEU D 79 16.12 -1.54 11.63
C LEU D 79 16.48 -2.25 12.93
N VAL D 80 15.56 -2.16 13.90
CA VAL D 80 15.71 -2.85 15.17
C VAL D 80 14.70 -3.99 15.19
N VAL D 81 15.18 -5.22 15.33
CA VAL D 81 14.30 -6.41 15.40
C VAL D 81 14.22 -6.89 16.85
N LEU D 82 12.99 -7.09 17.35
CA LEU D 82 12.76 -7.60 18.70
C LEU D 82 12.09 -8.98 18.61
N GLN D 83 12.71 -9.96 19.24
CA GLN D 83 12.18 -11.32 19.34
C GLN D 83 12.31 -11.76 20.79
N ALA D 84 11.27 -12.40 21.32
CA ALA D 84 11.29 -12.90 22.69
C ALA D 84 10.11 -13.81 22.89
N MET D 85 10.25 -14.77 23.83
CA MET D 85 9.14 -15.60 24.27
C MET D 85 8.09 -14.62 24.86
N ASP D 86 6.79 -14.98 24.84
CA ASP D 86 5.75 -14.11 25.40
C ASP D 86 6.10 -13.72 26.84
N ALA D 87 5.90 -12.42 27.18
CA ALA D 87 6.25 -11.75 28.44
C ALA D 87 7.78 -11.48 28.54
N GLY D 88 8.52 -11.73 27.45
CA GLY D 88 9.97 -11.57 27.38
C GLY D 88 10.51 -10.15 27.34
N GLY D 89 9.63 -9.15 27.19
CA GLY D 89 10.03 -7.76 27.22
C GLY D 89 9.98 -6.92 25.96
N LYS D 90 9.39 -7.42 24.83
CA LYS D 90 9.33 -6.65 23.59
C LYS D 90 8.55 -5.36 23.78
N ASP D 91 7.40 -5.45 24.45
CA ASP D 91 6.52 -4.32 24.74
C ASP D 91 7.23 -3.26 25.61
N GLY D 92 7.93 -3.70 26.67
CA GLY D 92 8.66 -2.82 27.56
C GLY D 92 9.84 -2.15 26.89
N THR D 93 10.52 -2.88 26.00
CA THR D 93 11.68 -2.38 25.25
C THR D 93 11.23 -1.28 24.27
N ILE D 94 10.08 -1.47 23.60
CA ILE D 94 9.51 -0.49 22.67
C ILE D 94 9.28 0.84 23.42
N ARG D 95 8.71 0.79 24.63
CA ARG D 95 8.42 1.98 25.43
C ARG D 95 9.69 2.71 25.81
N VAL D 96 10.75 1.99 26.15
CA VAL D 96 12.04 2.55 26.54
C VAL D 96 12.75 3.20 25.31
N VAL D 97 12.59 2.66 24.11
CA VAL D 97 13.16 3.28 22.90
C VAL D 97 12.36 4.59 22.67
N PHE D 98 11.03 4.51 22.72
CA PHE D 98 10.18 5.67 22.48
C PHE D 98 10.39 6.76 23.51
N ASP D 99 10.86 6.43 24.72
CA ASP D 99 11.19 7.45 25.71
C ASP D 99 12.34 8.38 25.27
N GLY D 100 13.13 7.93 24.29
CA GLY D 100 14.28 8.70 23.80
C GLY D 100 14.20 9.10 22.34
N VAL D 101 13.00 9.18 21.76
CA VAL D 101 12.89 9.55 20.33
C VAL D 101 11.72 10.51 20.06
N ASN D 102 11.71 11.06 18.85
CA ASN D 102 10.60 11.83 18.35
C ASN D 102 9.70 10.80 17.61
N PRO D 103 8.43 10.62 18.04
CA PRO D 103 7.53 9.64 17.36
C PRO D 103 7.30 9.90 15.85
N SER D 104 7.59 11.11 15.38
CA SER D 104 7.46 11.46 13.96
C SER D 104 8.55 10.77 13.09
N GLY D 105 9.61 10.24 13.70
CA GLY D 105 10.66 9.58 12.93
C GLY D 105 10.89 8.12 13.26
N VAL D 106 10.07 7.58 14.15
CA VAL D 106 10.21 6.19 14.63
C VAL D 106 8.87 5.53 14.61
N ARG D 107 8.82 4.30 14.11
CA ARG D 107 7.57 3.56 14.11
C ARG D 107 7.80 2.08 14.44
N VAL D 108 6.74 1.46 14.92
CA VAL D 108 6.69 0.04 15.25
C VAL D 108 5.92 -0.67 14.13
N ALA D 109 6.51 -1.71 13.56
CA ALA D 109 5.86 -2.61 12.60
C ALA D 109 5.80 -3.94 13.34
N SER D 110 4.60 -4.35 13.74
CA SER D 110 4.47 -5.62 14.45
C SER D 110 3.96 -6.71 13.51
N PHE D 111 4.42 -7.93 13.73
CA PHE D 111 4.03 -9.07 12.91
C PHE D 111 3.25 -10.08 13.73
N GLY D 112 1.99 -10.28 13.34
CA GLY D 112 1.07 -11.21 13.97
C GLY D 112 0.79 -12.41 13.09
N VAL D 113 -0.32 -13.09 13.36
CA VAL D 113 -0.74 -14.28 12.61
C VAL D 113 -0.97 -13.84 11.13
N PRO D 114 -0.25 -14.43 10.16
CA PRO D 114 -0.42 -14.01 8.76
C PRO D 114 -1.87 -14.14 8.27
N THR D 115 -2.31 -13.19 7.48
CA THR D 115 -3.65 -13.17 6.91
C THR D 115 -3.59 -14.00 5.63
N GLU D 116 -4.73 -14.28 5.02
CA GLU D 116 -4.84 -15.00 3.75
C GLU D 116 -3.99 -14.29 2.65
N GLN D 117 -4.05 -12.94 2.57
CA GLN D 117 -3.31 -12.17 1.56
C GLN D 117 -1.81 -12.29 1.78
N GLU D 118 -1.39 -12.29 3.07
CA GLU D 118 0.03 -12.42 3.41
C GLU D 118 0.55 -13.81 3.10
N LEU D 119 -0.25 -14.86 3.40
CA LEU D 119 0.10 -16.26 3.10
C LEU D 119 0.07 -16.54 1.59
N ALA D 120 -0.64 -15.71 0.80
CA ALA D 120 -0.75 -15.87 -0.66
C ALA D 120 0.51 -15.41 -1.38
N ARG D 121 1.43 -14.78 -0.66
CA ARG D 121 2.73 -14.35 -1.17
C ARG D 121 3.81 -14.99 -0.29
N ASP D 122 5.08 -14.89 -0.70
CA ASP D 122 6.21 -15.39 0.07
C ASP D 122 6.19 -14.72 1.42
N TYR D 123 6.65 -15.43 2.45
CA TYR D 123 6.70 -14.94 3.82
C TYR D 123 7.49 -13.59 4.00
N LEU D 124 8.44 -13.29 3.10
CA LEU D 124 9.21 -12.03 3.20
C LEU D 124 8.42 -10.80 2.69
N TRP D 125 7.39 -11.01 1.90
CA TRP D 125 6.57 -9.94 1.30
C TRP D 125 6.04 -8.94 2.34
N ARG D 126 5.33 -9.43 3.35
CA ARG D 126 4.74 -8.55 4.37
C ARG D 126 5.81 -7.82 5.21
N VAL D 127 6.98 -8.45 5.34
CA VAL D 127 8.09 -7.95 6.13
C VAL D 127 8.83 -6.86 5.36
N HIS D 128 9.22 -7.17 4.12
CA HIS D 128 9.93 -6.24 3.25
C HIS D 128 9.15 -4.91 3.11
N GLN D 129 7.79 -4.98 3.02
CA GLN D 129 6.89 -3.83 2.94
CA GLN D 129 6.94 -3.79 2.90
C GLN D 129 7.23 -2.76 4.01
N GLN D 130 7.54 -3.21 5.22
CA GLN D 130 7.74 -2.38 6.42
C GLN D 130 9.15 -1.89 6.74
N VAL D 131 10.14 -2.20 5.87
CA VAL D 131 11.55 -1.80 6.13
C VAL D 131 11.69 -0.28 6.33
N PRO D 132 12.61 0.19 7.21
CA PRO D 132 12.78 1.65 7.35
C PRO D 132 13.27 2.33 6.08
N ARG D 133 12.83 3.56 5.86
CA ARG D 133 13.32 4.35 4.75
C ARG D 133 14.49 5.22 5.27
N LYS D 134 15.15 5.96 4.37
CA LYS D 134 16.25 6.87 4.76
C LYS D 134 15.73 7.88 5.77
N GLY D 135 16.52 8.08 6.84
CA GLY D 135 16.24 8.96 7.97
C GLY D 135 15.24 8.41 8.98
N GLU D 136 14.91 7.12 8.88
CA GLU D 136 13.90 6.50 9.75
C GLU D 136 14.47 5.32 10.55
N LEU D 137 13.90 5.15 11.76
CA LEU D 137 14.20 4.03 12.66
C LEU D 137 12.92 3.23 12.75
N VAL D 138 12.96 1.95 12.40
CA VAL D 138 11.78 1.09 12.53
C VAL D 138 12.10 -0.02 13.50
N ILE D 139 11.16 -0.30 14.39
CA ILE D 139 11.24 -1.42 15.31
C ILE D 139 10.30 -2.49 14.77
N PHE D 140 10.83 -3.69 14.54
CA PHE D 140 10.01 -4.84 14.15
C PHE D 140 9.68 -5.54 15.46
N ASN D 141 8.37 -5.54 15.83
CA ASN D 141 7.93 -6.30 17.00
C ASN D 141 7.54 -7.66 16.42
N ARG D 142 8.46 -8.65 16.53
CA ARG D 142 8.44 -9.93 15.82
C ARG D 142 8.85 -9.57 14.39
N SER D 143 9.02 -10.58 13.52
CA SER D 143 9.60 -10.29 12.22
C SER D 143 9.52 -11.51 11.34
N HIS D 144 10.32 -11.49 10.29
CA HIS D 144 10.52 -12.62 9.37
C HIS D 144 11.06 -13.83 10.11
N TYR D 145 11.68 -13.64 11.32
CA TYR D 145 12.18 -14.75 12.12
C TYR D 145 11.07 -15.67 12.57
N GLU D 146 9.81 -15.17 12.64
CA GLU D 146 8.70 -16.05 13.04
C GLU D 146 8.49 -17.17 12.06
N ASP D 147 8.97 -16.99 10.82
CA ASP D 147 8.87 -17.96 9.75
C ASP D 147 9.90 -19.13 9.85
N VAL D 148 10.77 -19.09 10.87
CA VAL D 148 11.69 -20.19 11.23
C VAL D 148 11.55 -20.44 12.76
N LEU D 149 10.56 -19.78 13.43
CA LEU D 149 10.33 -19.98 14.87
C LEU D 149 9.06 -20.79 15.09
N VAL D 150 7.87 -20.14 15.24
CA VAL D 150 6.56 -20.81 15.40
C VAL D 150 6.31 -21.73 14.19
N VAL D 151 6.73 -21.30 12.98
CA VAL D 151 6.51 -22.08 11.77
C VAL D 151 7.22 -23.45 11.87
N ARG D 152 8.44 -23.45 12.38
CA ARG D 152 9.27 -24.63 12.63
C ARG D 152 8.72 -25.43 13.83
N VAL D 153 8.49 -24.75 14.99
CA VAL D 153 8.02 -25.38 16.24
C VAL D 153 6.68 -26.09 16.05
N LYS D 154 5.71 -25.46 15.36
CA LYS D 154 4.38 -26.05 15.16
C LYS D 154 4.26 -26.79 13.81
N ASN D 155 5.37 -26.91 13.05
CA ASN D 155 5.40 -27.59 11.76
C ASN D 155 4.32 -27.05 10.81
N LEU D 156 4.24 -25.71 10.69
CA LEU D 156 3.22 -25.04 9.85
C LEU D 156 3.51 -25.23 8.36
N VAL D 157 4.76 -25.54 8.03
CA VAL D 157 5.24 -25.90 6.69
C VAL D 157 6.19 -27.08 6.94
N PRO D 158 6.44 -27.97 5.96
CA PRO D 158 7.42 -29.05 6.19
C PRO D 158 8.83 -28.49 6.39
N GLN D 159 9.70 -29.26 7.07
CA GLN D 159 11.12 -28.89 7.31
C GLN D 159 11.86 -28.60 6.01
N GLN D 160 11.55 -29.35 4.94
CA GLN D 160 12.14 -29.16 3.61
C GLN D 160 11.98 -27.70 3.16
N VAL D 161 10.84 -27.09 3.52
CA VAL D 161 10.54 -25.70 3.22
C VAL D 161 11.26 -24.72 4.18
N TRP D 162 11.00 -24.80 5.51
CA TRP D 162 11.54 -23.82 6.44
C TRP D 162 13.07 -23.87 6.60
N GLN D 163 13.74 -25.02 6.33
CA GLN D 163 15.21 -25.11 6.45
C GLN D 163 15.91 -24.20 5.45
N LYS D 164 15.29 -24.00 4.25
CA LYS D 164 15.82 -23.14 3.19
C LYS D 164 15.74 -21.66 3.56
N ARG D 165 14.92 -21.31 4.54
CA ARG D 165 14.67 -19.92 4.92
C ARG D 165 15.82 -19.24 5.68
N TYR D 166 16.71 -20.00 6.32
CA TYR D 166 17.87 -19.41 7.00
C TYR D 166 18.75 -18.66 5.96
N ARG D 167 19.00 -19.28 4.79
CA ARG D 167 19.74 -18.67 3.70
C ARG D 167 18.94 -17.48 3.14
N HIS D 168 17.60 -17.63 2.93
CA HIS D 168 16.78 -16.52 2.42
C HIS D 168 16.96 -15.29 3.31
N ILE D 169 16.90 -15.50 4.63
CA ILE D 169 17.02 -14.44 5.63
C ILE D 169 18.42 -13.79 5.60
N ARG D 170 19.50 -14.60 5.60
CA ARG D 170 20.88 -14.07 5.51
C ARG D 170 21.02 -13.19 4.28
N GLU D 171 20.47 -13.63 3.14
CA GLU D 171 20.59 -12.95 1.87
C GLU D 171 19.69 -11.72 1.76
N PHE D 172 18.52 -11.76 2.37
CA PHE D 172 17.60 -10.61 2.39
C PHE D 172 18.27 -9.52 3.23
N GLU D 173 18.80 -9.91 4.40
CA GLU D 173 19.49 -8.98 5.30
C GLU D 173 20.78 -8.45 4.71
N ARG D 174 21.49 -9.25 3.91
CA ARG D 174 22.74 -8.82 3.24
C ARG D 174 22.39 -7.70 2.27
N MET D 175 21.32 -7.91 1.46
CA MET D 175 20.84 -6.95 0.49
C MET D 175 20.45 -5.66 1.23
N LEU D 176 19.70 -5.78 2.36
CA LEU D 176 19.27 -4.59 3.12
C LEU D 176 20.47 -3.80 3.61
N ALA D 177 21.46 -4.49 4.18
CA ALA D 177 22.67 -3.88 4.72
C ALA D 177 23.52 -3.24 3.61
N ASP D 178 23.71 -3.95 2.48
CA ASP D 178 24.47 -3.43 1.33
C ASP D 178 23.82 -2.16 0.80
N GLU D 179 22.48 -2.09 0.84
CA GLU D 179 21.75 -0.96 0.31
C GLU D 179 21.54 0.17 1.35
N GLY D 180 22.20 0.09 2.50
CA GLY D 180 22.20 1.19 3.45
C GLY D 180 21.52 1.04 4.78
N THR D 181 20.99 -0.15 5.12
CA THR D 181 20.30 -0.36 6.40
C THR D 181 21.26 -0.86 7.48
N THR D 182 21.23 -0.19 8.65
CA THR D 182 21.93 -0.64 9.84
C THR D 182 20.92 -1.58 10.55
N ILE D 183 21.31 -2.85 10.77
CA ILE D 183 20.43 -3.85 11.35
C ILE D 183 20.86 -4.26 12.75
N LEU D 184 19.95 -4.19 13.72
CA LEU D 184 20.22 -4.64 15.09
C LEU D 184 19.12 -5.65 15.41
N LYS D 185 19.50 -6.87 15.79
CA LYS D 185 18.51 -7.88 16.15
C LYS D 185 18.74 -8.25 17.61
N PHE D 186 17.71 -8.11 18.42
CA PHE D 186 17.76 -8.42 19.84
C PHE D 186 16.87 -9.58 20.19
N PHE D 187 17.46 -10.59 20.83
CA PHE D 187 16.72 -11.71 21.38
C PHE D 187 16.67 -11.43 22.88
N LEU D 188 15.49 -11.09 23.38
CA LEU D 188 15.30 -10.78 24.80
C LEU D 188 15.09 -12.11 25.49
N HIS D 189 16.15 -12.57 26.20
CA HIS D 189 16.28 -13.86 26.87
C HIS D 189 15.74 -13.93 28.33
N ILE D 190 14.59 -14.60 28.49
CA ILE D 190 14.03 -14.85 29.82
C ILE D 190 13.99 -16.37 30.07
N SER D 191 14.07 -16.77 31.34
CA SER D 191 13.97 -18.17 31.74
C SER D 191 12.50 -18.62 31.74
N LYS D 192 12.28 -19.96 31.72
CA LYS D 192 10.96 -20.62 31.74
C LYS D 192 10.20 -20.22 33.02
N ASP D 193 10.90 -20.21 34.17
CA ASP D 193 10.29 -19.83 35.44
C ASP D 193 9.95 -18.35 35.49
N GLU D 194 10.78 -17.48 34.90
CA GLU D 194 10.46 -16.04 34.82
C GLU D 194 9.18 -15.84 34.00
N GLN D 195 9.08 -16.52 32.84
CA GLN D 195 7.87 -16.43 32.01
C GLN D 195 6.65 -16.87 32.78
N ARG D 196 6.76 -18.01 33.51
CA ARG D 196 5.67 -18.54 34.33
C ARG D 196 5.17 -17.47 35.31
N GLN D 197 6.08 -16.82 36.06
CA GLN D 197 5.73 -15.76 37.02
C GLN D 197 5.05 -14.59 36.32
N ARG D 198 5.61 -14.13 35.15
CA ARG D 198 5.06 -13.00 34.42
C ARG D 198 3.69 -13.30 33.83
N LEU D 199 3.48 -14.53 33.33
CA LEU D 199 2.18 -14.94 32.78
C LEU D 199 1.12 -15.08 33.85
N GLN D 200 1.53 -15.56 35.05
CA GLN D 200 0.65 -15.68 36.21
C GLN D 200 0.20 -14.30 36.67
N GLU D 201 1.13 -13.32 36.66
CA GLU D 201 0.86 -11.92 37.02
C GLU D 201 -0.18 -11.32 36.06
N ARG D 202 -0.13 -11.65 34.75
CA ARG D 202 -1.09 -11.16 33.75
C ARG D 202 -2.49 -11.64 34.07
N LEU D 203 -2.64 -12.97 34.33
CA LEU D 203 -3.91 -13.62 34.69
C LEU D 203 -4.52 -13.02 35.94
N ASP D 204 -3.66 -12.71 36.93
CA ASP D 204 -4.07 -12.18 38.22
C ASP D 204 -4.37 -10.67 38.20
N ASN D 205 -4.00 -9.97 37.11
CA ASN D 205 -4.26 -8.54 36.98
C ASN D 205 -5.48 -8.33 36.10
N PRO D 206 -6.57 -7.70 36.60
CA PRO D 206 -7.78 -7.51 35.77
C PRO D 206 -7.57 -6.61 34.53
N GLU D 207 -6.53 -5.74 34.57
CA GLU D 207 -6.19 -4.86 33.46
C GLU D 207 -5.26 -5.51 32.41
N LYS D 208 -4.79 -6.76 32.66
CA LYS D 208 -3.85 -7.47 31.76
C LYS D 208 -4.37 -8.82 31.31
N ARG D 209 -5.43 -9.30 32.00
CA ARG D 209 -6.09 -10.60 31.77
C ARG D 209 -6.48 -10.83 30.30
N TRP D 210 -6.85 -9.72 29.58
CA TRP D 210 -7.25 -9.71 28.17
C TRP D 210 -6.17 -10.27 27.25
N LYS D 211 -4.89 -10.18 27.66
CA LYS D 211 -3.79 -10.71 26.88
C LYS D 211 -3.80 -12.26 26.84
N PHE D 212 -4.47 -12.93 27.81
CA PHE D 212 -4.52 -14.40 27.90
C PHE D 212 -5.44 -15.05 26.85
N ARG D 213 -4.89 -16.04 26.14
CA ARG D 213 -5.58 -16.86 25.13
C ARG D 213 -5.53 -18.29 25.69
N MET D 214 -6.49 -19.17 25.33
CA MET D 214 -6.47 -20.52 25.94
C MET D 214 -5.36 -21.42 25.40
N GLY D 215 -4.99 -21.22 24.13
CA GLY D 215 -3.89 -21.94 23.47
C GLY D 215 -2.52 -21.60 24.05
N ASP D 216 -2.46 -20.51 24.86
CA ASP D 216 -1.27 -20.04 25.56
C ASP D 216 -0.78 -21.10 26.53
N LEU D 217 -1.70 -21.74 27.27
CA LEU D 217 -1.41 -22.77 28.25
C LEU D 217 -0.63 -23.93 27.61
N GLU D 218 -1.19 -24.53 26.57
CA GLU D 218 -0.56 -25.63 25.83
C GLU D 218 0.71 -25.20 25.05
N ASP D 219 0.90 -23.91 24.77
CA ASP D 219 2.11 -23.42 24.09
C ASP D 219 3.35 -23.45 25.02
N ARG D 220 3.13 -23.49 26.37
CA ARG D 220 4.16 -23.58 27.40
C ARG D 220 4.90 -24.91 27.30
N ARG D 221 4.16 -26.00 26.95
CA ARG D 221 4.76 -27.33 26.79
C ARG D 221 5.81 -27.37 25.65
N LEU D 222 5.76 -26.37 24.74
CA LEU D 222 6.68 -26.20 23.61
C LEU D 222 7.90 -25.31 23.91
N TRP D 223 8.09 -24.88 25.19
CA TRP D 223 9.21 -24.04 25.63
C TRP D 223 10.55 -24.49 25.07
N ASP D 224 10.93 -25.76 25.29
CA ASP D 224 12.19 -26.33 24.82
C ASP D 224 12.36 -26.31 23.30
N ARG D 225 11.29 -26.60 22.56
CA ARG D 225 11.28 -26.57 21.10
C ARG D 225 11.52 -25.13 20.62
N TYR D 226 10.96 -24.11 21.31
CA TYR D 226 11.21 -22.70 20.97
C TYR D 226 12.64 -22.30 21.25
N GLN D 227 13.23 -22.78 22.36
CA GLN D 227 14.62 -22.48 22.72
C GLN D 227 15.57 -23.00 21.65
N GLU D 228 15.32 -24.24 21.17
CA GLU D 228 16.07 -24.88 20.08
C GLU D 228 15.90 -24.08 18.80
N ALA D 229 14.65 -23.65 18.48
CA ALA D 229 14.36 -22.87 17.27
C ALA D 229 15.08 -21.53 17.31
N TYR D 230 15.09 -20.86 18.49
CA TYR D 230 15.82 -19.60 18.68
C TYR D 230 17.34 -19.78 18.53
N GLU D 231 17.89 -20.82 19.13
CA GLU D 231 19.33 -21.11 19.03
C GLU D 231 19.74 -21.35 17.57
N ALA D 232 18.97 -22.17 16.86
CA ALA D 232 19.22 -22.48 15.46
C ALA D 232 19.14 -21.20 14.60
N ALA D 233 18.12 -20.35 14.80
CA ALA D 233 17.94 -19.11 14.02
C ALA D 233 19.08 -18.14 14.27
N ILE D 234 19.49 -17.97 15.55
CA ILE D 234 20.56 -17.05 15.91
C ILE D 234 21.88 -17.53 15.30
N ARG D 235 22.20 -18.81 15.52
CA ARG D 235 23.41 -19.44 14.95
C ARG D 235 23.47 -19.26 13.40
N GLU D 236 22.34 -19.51 12.71
CA GLU D 236 22.27 -19.46 11.25
C GLU D 236 22.32 -18.04 10.69
N THR D 237 21.80 -17.05 11.42
CA THR D 237 21.63 -15.71 10.84
C THR D 237 22.41 -14.57 11.51
N SER D 238 23.18 -14.86 12.59
CA SER D 238 23.98 -13.78 13.18
C SER D 238 25.19 -13.59 12.28
N THR D 239 25.21 -12.47 11.55
CA THR D 239 26.30 -12.18 10.61
C THR D 239 26.96 -10.85 10.98
N GLU D 240 28.05 -10.51 10.27
CA GLU D 240 28.81 -9.27 10.45
C GLU D 240 27.91 -8.06 10.15
N TYR D 241 27.12 -8.14 9.07
CA TYR D 241 26.24 -7.06 8.62
C TYR D 241 24.89 -7.06 9.34
N ALA D 242 24.52 -8.16 9.99
CA ALA D 242 23.22 -8.23 10.68
C ALA D 242 23.41 -9.08 11.96
N PRO D 243 24.02 -8.50 13.01
CA PRO D 243 24.27 -9.28 14.22
C PRO D 243 23.05 -9.49 15.11
N TRP D 244 23.06 -10.60 15.82
CA TRP D 244 22.10 -10.88 16.87
C TRP D 244 22.78 -10.49 18.17
N TYR D 245 22.03 -9.92 19.10
CA TYR D 245 22.47 -9.62 20.46
C TYR D 245 21.55 -10.39 21.39
N VAL D 246 22.12 -11.20 22.28
CA VAL D 246 21.33 -11.97 23.24
C VAL D 246 21.32 -11.11 24.49
N ILE D 247 20.11 -10.68 24.90
CA ILE D 247 19.91 -9.78 26.03
C ILE D 247 19.38 -10.57 27.24
N PRO D 248 20.20 -10.73 28.32
CA PRO D 248 19.67 -11.35 29.54
C PRO D 248 18.51 -10.45 29.98
N ALA D 249 17.28 -10.97 29.99
CA ALA D 249 16.12 -10.12 30.21
C ALA D 249 15.22 -10.47 31.42
N ASN D 250 15.68 -11.31 32.36
CA ASN D 250 14.89 -11.58 33.58
C ASN D 250 14.67 -10.32 34.45
N LYS D 251 15.61 -9.37 34.36
CA LYS D 251 15.55 -8.07 35.04
C LYS D 251 15.20 -7.04 33.99
N ASN D 252 13.99 -6.45 34.10
CA ASN D 252 13.49 -5.43 33.17
C ASN D 252 14.46 -4.25 33.05
N TRP D 253 15.02 -3.79 34.21
CA TRP D 253 15.95 -2.67 34.26
C TRP D 253 17.22 -2.92 33.44
N TYR D 254 17.74 -4.15 33.49
CA TYR D 254 18.96 -4.50 32.78
C TYR D 254 18.72 -4.62 31.27
N ARG D 255 17.59 -5.25 30.88
CA ARG D 255 17.18 -5.39 29.49
C ARG D 255 17.05 -3.98 28.87
N ASN D 256 16.32 -3.07 29.55
CA ASN D 256 16.10 -1.70 29.08
C ASN D 256 17.39 -0.93 28.92
N TRP D 257 18.26 -0.99 29.94
CA TRP D 257 19.56 -0.31 29.88
C TRP D 257 20.45 -0.84 28.74
N LEU D 258 20.62 -2.17 28.66
CA LEU D 258 21.49 -2.83 27.69
C LEU D 258 21.07 -2.63 26.24
N VAL D 259 19.77 -2.79 25.95
CA VAL D 259 19.26 -2.55 24.60
C VAL D 259 19.51 -1.07 24.22
N SER D 260 19.17 -0.14 25.14
CA SER D 260 19.37 1.31 24.93
C SER D 260 20.85 1.64 24.67
N HIS D 261 21.74 1.04 25.47
CA HIS D 261 23.18 1.21 25.33
C HIS D 261 23.68 0.75 23.93
N ILE D 262 23.27 -0.47 23.50
CA ILE D 262 23.66 -1.02 22.20
C ILE D 262 23.14 -0.14 21.06
N LEU D 263 21.86 0.28 21.15
CA LEU D 263 21.27 1.13 20.13
C LEU D 263 22.01 2.47 20.04
N VAL D 264 22.23 3.14 21.16
CA VAL D 264 22.92 4.43 21.20
C VAL D 264 24.36 4.31 20.63
N GLU D 265 25.11 3.28 21.04
CA GLU D 265 26.48 3.05 20.57
C GLU D 265 26.52 2.79 19.06
N THR D 266 25.52 2.04 18.55
CA THR D 266 25.39 1.75 17.12
C THR D 266 25.16 3.07 16.36
N LEU D 267 24.23 3.91 16.85
CA LEU D 267 23.93 5.20 16.22
C LEU D 267 25.12 6.14 16.25
N GLU D 268 25.90 6.14 17.35
CA GLU D 268 27.11 6.96 17.48
C GLU D 268 28.14 6.57 16.40
N GLY D 269 28.25 5.27 16.14
CA GLY D 269 29.18 4.69 15.18
C GLY D 269 28.91 5.10 13.74
N LEU D 270 27.68 5.54 13.44
CA LEU D 270 27.32 6.02 12.10
C LEU D 270 27.92 7.41 11.78
N ALA D 271 28.46 8.13 12.80
CA ALA D 271 29.08 9.46 12.67
C ALA D 271 28.20 10.41 11.83
N MET D 272 26.91 10.49 12.20
CA MET D 272 25.93 11.32 11.49
C MET D 272 26.17 12.81 11.63
N GLN D 273 25.90 13.57 10.55
CA GLN D 273 26.16 15.01 10.53
C GLN D 273 24.92 15.76 10.16
N TYR D 274 24.68 16.93 10.78
CA TYR D 274 23.53 17.76 10.43
C TYR D 274 23.74 18.27 9.01
N PRO D 275 22.71 18.35 8.14
CA PRO D 275 22.95 18.93 6.80
C PRO D 275 23.44 20.38 6.95
N GLN D 276 24.51 20.75 6.24
CA GLN D 276 25.02 22.11 6.37
C GLN D 276 24.25 23.06 5.44
N PRO D 277 23.83 24.26 5.93
CA PRO D 277 23.08 25.17 5.05
C PRO D 277 23.95 25.93 4.06
N ILE D 284 21.04 35.55 9.40
CA ILE D 284 19.65 35.82 9.03
C ILE D 284 18.84 36.26 10.27
N VAL D 285 18.13 37.41 10.16
CA VAL D 285 17.25 37.95 11.21
C VAL D 285 15.81 38.01 10.65
N ILE D 286 14.93 37.10 11.12
CA ILE D 286 13.54 36.97 10.68
C ILE D 286 12.70 38.21 11.07
N GLU D 287 11.96 38.75 10.08
CA GLU D 287 11.07 39.89 10.18
C GLU D 287 9.60 39.41 10.30
PG ATP E . 4.50 23.37 8.94
O1G ATP E . 4.64 24.69 8.33
O2G ATP E . 4.98 23.31 10.43
O3G ATP E . 3.10 22.80 8.86
PB ATP E . 7.06 22.21 8.19
O1B ATP E . 7.74 23.11 7.23
O2B ATP E . 7.57 22.43 9.60
O3B ATP E . 5.47 22.39 8.14
PA ATP E . 8.05 20.00 6.62
O1A ATP E . 8.13 18.55 6.84
O2A ATP E . 9.44 20.62 6.54
O3A ATP E . 7.29 20.68 7.83
O5' ATP E . 7.25 20.38 5.33
C5' ATP E . 5.96 19.81 5.03
C4' ATP E . 5.37 20.74 4.01
O4' ATP E . 4.33 20.09 3.26
C3' ATP E . 4.77 22.04 4.56
O3' ATP E . 5.49 23.11 3.95
C2' ATP E . 3.28 21.96 4.13
O2' ATP E . 2.75 23.23 3.77
C1' ATP E . 3.39 21.08 2.89
N9 ATP E . 2.15 20.44 2.47
C8 ATP E . 1.37 19.58 3.21
N7 ATP E . 0.25 19.24 2.60
C5 ATP E . 0.30 19.92 1.41
C6 ATP E . -0.61 19.99 0.33
N6 ATP E . -1.81 19.41 0.32
N1 ATP E . -0.25 20.75 -0.74
C2 ATP E . 0.93 21.38 -0.72
N3 ATP E . 1.86 21.38 0.24
C4 ATP E . 1.48 20.64 1.29
PG ATP F . 5.43 22.73 14.48
O1G ATP F . 6.10 23.41 13.30
O2G ATP F . 6.01 23.20 15.77
O3G ATP F . 3.92 22.91 14.41
PB ATP F . 6.19 20.24 13.11
O1B ATP F . 5.88 20.89 11.79
O2B ATP F . 5.56 18.91 13.22
O3B ATP F . 5.73 21.17 14.32
PA ATP F . 9.03 20.96 12.94
O1A ATP F . 8.54 22.21 12.20
O2A ATP F . 9.65 21.34 14.23
O3A ATP F . 7.77 20.05 13.28
O5' ATP F . 10.04 20.14 12.03
C5' ATP F . 10.06 20.20 10.57
C4' ATP F . 9.71 18.84 10.03
O4' ATP F . 10.65 17.84 10.49
C3' ATP F . 8.32 18.28 10.35
O3' ATP F . 7.88 17.55 9.21
C2' ATP F . 8.59 17.32 11.50
O2' ATP F . 7.64 16.27 11.56
C1' ATP F . 9.97 16.79 11.14
N9 ATP F . 10.77 16.37 12.30
C8 ATP F . 11.38 17.21 13.20
N7 ATP F . 12.13 16.58 14.07
C5 ATP F . 12.01 15.24 13.71
C6 ATP F . 12.58 14.07 14.23
N6 ATP F . 13.46 14.05 15.25
N1 ATP F . 12.20 12.89 13.69
C2 ATP F . 11.33 12.89 12.67
N3 ATP F . 10.76 13.95 12.06
C4 ATP F . 11.15 15.11 12.63
MG MG G . 6.68 22.88 11.30
S SO4 H . 6.79 27.24 27.88
O1 SO4 H . 7.97 26.70 27.19
O2 SO4 H . 6.06 28.16 26.99
O3 SO4 H . 7.26 27.98 29.04
O4 SO4 H . 5.94 26.10 28.33
PG ATP I . -21.21 -11.89 -7.93
O1G ATP I . -21.09 -12.28 -9.45
O2G ATP I . -22.39 -12.49 -7.26
O3G ATP I . -21.09 -10.38 -7.76
PB ATP I . -19.23 -13.93 -7.38
O1B ATP I . -19.34 -14.40 -8.83
O2B ATP I . -19.78 -14.92 -6.45
O3B ATP I . -19.92 -12.51 -7.23
PA ATP I . -16.70 -14.23 -6.00
O1A ATP I . -16.76 -15.75 -5.98
O2A ATP I . -15.35 -13.70 -6.33
O3A ATP I . -17.69 -13.64 -7.09
O5' ATP I . -17.26 -13.72 -4.62
C5' ATP I . -17.14 -12.33 -4.23
C4' ATP I . -18.15 -12.16 -3.12
O4' ATP I . -17.82 -11.02 -2.30
C3' ATP I . -19.59 -11.97 -3.59
O3' ATP I . -20.35 -13.03 -3.00
C2' ATP I . -19.98 -10.59 -3.02
O2' ATP I . -21.33 -10.51 -2.60
C1' ATP I . -19.03 -10.49 -1.82
N9 ATP I . -18.79 -9.13 -1.33
C8 ATP I . -18.31 -8.07 -2.05
N7 ATP I . -18.31 -6.93 -1.38
C5 ATP I . -18.85 -7.27 -0.15
C6 ATP I . -19.15 -6.51 0.99
N6 ATP I . -18.98 -5.18 1.08
N1 ATP I . -19.64 -7.16 2.07
C2 ATP I . -19.82 -8.49 1.99
N3 ATP I . -19.59 -9.31 0.96
C4 ATP I . -19.12 -8.63 -0.09
PG ATP J . -20.70 -12.33 -13.52
O1G ATP J . -21.01 -12.98 -14.83
O2G ATP J . -21.05 -13.23 -12.38
O3G ATP J . -21.32 -10.98 -13.36
PB ATP J . -18.00 -12.23 -12.35
O1B ATP J . -16.97 -11.18 -12.49
O2B ATP J . -18.61 -12.22 -10.97
O3B ATP J . -19.12 -12.09 -13.47
PA ATP J . -17.70 -15.13 -12.31
O1A ATP J . -17.84 -15.78 -13.62
O2A ATP J . -19.00 -15.15 -11.57
O3A ATP J . -17.28 -13.63 -12.61
O5' ATP J . -16.54 -15.86 -11.50
C5' ATP J . -16.48 -15.93 -10.06
C4' ATP J . -15.26 -15.17 -9.57
O4' ATP J . -14.06 -15.70 -10.15
C3' ATP J . -15.24 -13.66 -9.82
O3' ATP J . -14.64 -13.08 -8.68
C2' ATP J . -14.32 -13.53 -11.03
O2' ATP J . -13.70 -12.27 -11.16
C1' ATP J . -13.33 -14.67 -10.80
N9 ATP J . -12.77 -15.22 -12.04
C8 ATP J . -13.41 -16.00 -12.96
N7 ATP J . -12.63 -16.47 -13.91
C5 ATP J . -11.38 -15.95 -13.59
C6 ATP J . -10.12 -16.10 -14.18
N6 ATP J . -9.88 -16.88 -15.25
N1 ATP J . -9.07 -15.45 -13.62
C2 ATP J . -9.28 -14.71 -12.52
N3 ATP J . -10.43 -14.52 -11.86
C4 ATP J . -11.45 -15.16 -12.44
MG MG K . -20.21 -13.78 -10.52
C1 GOL L . -25.09 -8.87 -5.59
O1 GOL L . -24.77 -7.74 -6.37
C2 GOL L . -24.08 -9.95 -5.94
O2 GOL L . -22.88 -9.78 -5.16
C3 GOL L . -24.75 -11.26 -5.64
O3 GOL L . -25.11 -11.87 -6.88
MG MG M . -5.94 -8.80 4.99
MG MG N . -18.12 -3.94 4.25
S SO4 O . -25.86 -14.39 -26.59
O1 SO4 O . -26.96 -14.51 -27.56
O2 SO4 O . -24.88 -13.35 -27.06
O3 SO4 O . -26.49 -14.08 -25.27
O4 SO4 O . -25.14 -15.68 -26.49
PG ATP P . 12.09 1.35 -22.27
O1G ATP P . 11.20 0.79 -23.42
O2G ATP P . 13.35 2.04 -22.75
O3G ATP P . 12.31 0.22 -21.27
PB ATP P . 10.28 3.62 -22.13
O1B ATP P . 9.59 3.18 -23.40
O2B ATP P . 11.06 4.85 -22.32
O3B ATP P . 11.18 2.44 -21.54
PA ATP P . 8.77 5.07 -20.11
O1A ATP P . 8.63 6.28 -21.00
O2A ATP P . 7.53 4.76 -19.37
O3A ATP P . 9.17 3.81 -21.01
O5' ATP P . 10.01 5.29 -19.17
C5' ATP P . 10.33 4.40 -18.10
C4' ATP P . 11.76 4.72 -17.76
O4' ATP P . 12.07 4.29 -16.42
C3' ATP P . 12.81 4.08 -18.68
O3' ATP P . 13.56 5.15 -19.26
C2' ATP P . 13.64 3.20 -17.73
O2' ATP P . 15.02 3.16 -18.06
C1' ATP P . 13.43 3.93 -16.41
N9 ATP P . 13.70 3.15 -15.20
C8 ATP P . 13.12 1.97 -14.83
N7 ATP P . 13.64 1.44 -13.75
C5 ATP P . 14.64 2.30 -13.40
C6 ATP P . 15.60 2.29 -12.36
N6 ATP P . 15.74 1.28 -11.48
N1 ATP P . 16.46 3.33 -12.27
C2 ATP P . 16.35 4.34 -13.16
N3 ATP P . 15.49 4.47 -14.18
C4 ATP P . 14.68 3.39 -14.26
PG ATP Q . 8.85 -1.44 -25.89
O1G ATP Q . 8.37 -1.71 -27.32
O2G ATP Q . 9.54 -0.12 -25.84
O3G ATP Q . 9.68 -2.53 -25.37
PB ATP Q . 7.12 -0.38 -23.77
O1B ATP Q . 6.37 -1.14 -22.74
O2B ATP Q . 8.32 0.31 -23.20
O3B ATP Q . 7.55 -1.34 -24.97
PA ATP Q . 6.37 2.00 -25.28
O1A ATP Q . 5.71 1.70 -26.59
O2A ATP Q . 7.84 2.23 -25.48
O3A ATP Q . 6.14 0.71 -24.38
O5' ATP Q . 5.65 3.28 -24.61
C5' ATP Q . 6.29 4.18 -23.69
C4' ATP Q . 5.65 4.07 -22.33
O4' ATP Q . 4.23 4.36 -22.42
C3' ATP Q . 5.76 2.73 -21.60
O3' ATP Q . 5.86 2.97 -20.20
C2' ATP Q . 4.41 2.07 -21.90
O2' ATP Q . 4.05 1.11 -20.92
C1' ATP Q . 3.48 3.28 -21.91
N9 ATP Q . 2.30 3.11 -22.76
C8 ATP Q . 2.26 3.18 -24.12
N7 ATP Q . 1.06 3.09 -24.63
C5 ATP Q . 0.24 2.96 -23.51
C6 ATP Q . -1.16 2.87 -23.37
N6 ATP Q . -2.01 2.84 -24.39
N1 ATP Q . -1.65 2.79 -22.10
C2 ATP Q . -0.81 2.77 -21.08
N3 ATP Q . 0.53 2.85 -21.10
C4 ATP Q . 0.99 2.95 -22.35
MG MG R . 9.43 1.40 -24.54
C1 GOL S . 16.89 0.41 -22.37
O1 GOL S . 16.07 1.36 -23.06
C2 GOL S . 16.08 -0.34 -21.34
O2 GOL S . 16.81 -1.50 -20.88
C3 GOL S . 15.83 0.60 -20.18
O3 GOL S . 14.47 0.54 -19.80
MG MG T . 1.89 -8.43 -4.62
S SO4 U . 6.01 -8.15 -38.01
O1 SO4 U . 5.17 -6.93 -37.82
O2 SO4 U . 6.13 -8.46 -39.45
O3 SO4 U . 5.37 -9.28 -37.33
O4 SO4 U . 7.36 -7.89 -37.48
PG ATP V . 4.69 -13.18 21.57
O1G ATP V . 5.71 -12.94 20.48
O2G ATP V . 4.97 -12.22 22.79
O3G ATP V . 4.52 -14.57 21.99
PB ATP V . 1.93 -12.27 21.66
O1B ATP V . 1.06 -13.44 21.85
O2B ATP V . 2.17 -11.54 22.99
O3B ATP V . 3.29 -12.69 20.97
PA ATP V . -0.12 -11.24 19.87
O1A ATP V . -0.28 -9.94 19.20
O2A ATP V . -1.24 -11.54 20.82
O3A ATP V . 1.28 -11.23 20.64
O5' ATP V . -0.05 -12.47 18.87
C5' ATP V . 0.78 -12.43 17.70
C4' ATP V . 0.96 -13.87 17.29
O4' ATP V . 1.32 -13.97 15.90
C3' ATP V . 2.01 -14.65 18.09
O3' ATP V . 1.36 -15.76 18.68
C2' ATP V . 3.03 -15.07 17.01
O2' ATP V . 3.59 -16.35 17.23
C1' ATP V . 2.14 -15.10 15.77
N9 ATP V . 2.86 -15.01 14.49
C8 ATP V . 3.75 -14.03 14.11
N7 ATP V . 4.34 -14.27 12.97
C5 ATP V . 3.82 -15.49 12.57
C6 ATP V . 4.10 -16.33 11.47
N6 ATP V . 5.02 -16.05 10.54
N1 ATP V . 3.42 -17.49 11.37
C2 ATP V . 2.52 -17.79 12.33
N3 ATP V . 2.19 -17.09 13.41
C4 ATP V . 2.90 -15.95 13.49
PG ATP W . 6.40 -9.33 25.35
O1G ATP W . 7.70 -9.73 24.67
O2G ATP W . 5.40 -10.48 25.27
O3G ATP W . 6.60 -8.86 26.76
PB ATP W . 4.65 -7.98 23.40
O1B ATP W . 4.39 -9.32 22.75
O2B ATP W . 5.00 -6.96 22.42
O3B ATP W . 5.79 -8.11 24.51
PA ATP W . 2.23 -8.25 25.06
O1A ATP W . 2.48 -9.76 25.05
O2A ATP W . 2.38 -7.72 26.43
O3A ATP W . 3.30 -7.52 24.14
O5' ATP W . 0.76 -7.96 24.48
C5' ATP W . 0.09 -8.82 23.54
C4' ATP W . -0.13 -8.09 22.24
O4' ATP W . -0.89 -6.88 22.44
C3' ATP W . 1.12 -7.68 21.46
O3' ATP W . 0.86 -7.79 20.06
C2' ATP W . 1.28 -6.20 21.83
O2' ATP W . 1.94 -5.46 20.81
C1' ATP W . -0.17 -5.76 21.96
N9 ATP W . -0.36 -4.65 22.88
C8 ATP W . -0.30 -4.69 24.25
N7 ATP W . -0.64 -3.58 24.85
C5 ATP W . -0.95 -2.72 23.80
C6 ATP W . -1.41 -1.40 23.76
N6 ATP W . -1.67 -0.67 24.87
N1 ATP W . -1.63 -0.84 22.55
C2 ATP W . -1.41 -1.58 21.44
N3 ATP W . -0.97 -2.84 21.35
C4 ATP W . -0.76 -3.36 22.57
MG MG X . 3.85 -11.05 24.05
S SO4 Y . 12.48 -4.85 37.43
O1 SO4 Y . 12.82 -6.19 36.89
O2 SO4 Y . 13.09 -3.78 36.62
O3 SO4 Y . 11.02 -4.66 37.42
O4 SO4 Y . 12.98 -4.75 38.82
#